data_2GM3
#
_entry.id   2GM3
#
_cell.length_a   63.351
_cell.length_b   65.662
_cell.length_c   73.014
_cell.angle_alpha   75.45
_cell.angle_beta   75.04
_cell.angle_gamma   66.11
#
_symmetry.space_group_name_H-M   'P 1'
#
loop_
_entity.id
_entity.type
_entity.pdbx_description
1 polymer 'unknown protein'
2 non-polymer 'ADENOSINE MONOPHOSPHATE'
3 water water
#
_entity_poly.entity_id   1
_entity_poly.type   'polypeptide(L)'
_entity_poly.pdbx_seq_one_letter_code
;SGSEPTKV(MSE)VAVNASTIKDYPNPSISCKRAFEWTLEKIVRSNTSDFKILLLHVQVVDEDGFDDVDSIYASPEDFRD
(MSE)RQSNKAKGLHLLEFFVNKCHEIGVGCEAWIKTGDPKDVICQEVKRVRPDFLVVGSRGLGRFQKVFVGTVSAFCVK
HAECPV(MSE)TIKRNADETPSDPADD
;
_entity_poly.pdbx_strand_id   A,B,C,D,E,F
#
loop_
_chem_comp.id
_chem_comp.type
_chem_comp.name
_chem_comp.formula
AMP non-polymer 'ADENOSINE MONOPHOSPHATE' 'C10 H14 N5 O7 P'
#
# COMPACT_ATOMS: atom_id res chain seq x y z
N PRO A 5 11.55 -22.03 32.88
CA PRO A 5 11.15 -22.14 31.48
C PRO A 5 10.13 -21.07 31.16
N THR A 6 10.36 -20.35 30.07
CA THR A 6 9.58 -19.19 29.74
C THR A 6 8.25 -19.64 29.16
N LYS A 7 7.16 -19.17 29.76
CA LYS A 7 5.82 -19.53 29.26
C LYS A 7 5.40 -18.55 28.18
N VAL A 8 5.27 -19.07 26.98
CA VAL A 8 4.88 -18.29 25.85
C VAL A 8 3.45 -18.63 25.48
N MSE A 9 2.52 -17.68 25.71
CA MSE A 9 1.13 -17.86 25.28
C MSE A 9 0.98 -17.45 23.83
O MSE A 9 1.41 -16.37 23.46
CB MSE A 9 0.18 -17.04 26.14
CG MSE A 9 -1.28 -17.42 25.83
SE MSE A 9 -2.51 -16.74 27.13
CE MSE A 9 -3.44 -15.69 26.01
N VAL A 10 0.40 -18.32 23.01
CA VAL A 10 0.29 -18.07 21.56
C VAL A 10 -1.18 -18.15 21.22
N ALA A 11 -1.75 -17.04 20.74
CA ALA A 11 -3.15 -16.95 20.47
C ALA A 11 -3.35 -17.41 19.03
N VAL A 12 -4.09 -18.49 18.83
CA VAL A 12 -4.24 -19.10 17.50
C VAL A 12 -5.69 -19.11 17.07
N ASN A 13 -5.91 -18.85 15.79
CA ASN A 13 -7.24 -18.87 15.23
C ASN A 13 -7.26 -19.50 13.84
N ALA A 14 -8.46 -19.73 13.34
CA ALA A 14 -8.67 -20.40 12.08
C ALA A 14 -8.61 -19.42 10.92
N SER A 15 -8.19 -19.88 9.74
CA SER A 15 -8.20 -19.03 8.57
C SER A 15 -9.61 -18.90 8.04
N THR A 16 -9.92 -17.75 7.44
CA THR A 16 -11.22 -17.58 6.77
C THR A 16 -11.12 -17.72 5.25
N ILE A 17 -9.91 -17.75 4.70
CA ILE A 17 -9.71 -17.93 3.27
C ILE A 17 -9.17 -19.31 2.96
N LYS A 18 -8.21 -19.76 3.78
CA LYS A 18 -7.68 -21.11 3.66
C LYS A 18 -8.79 -22.06 4.10
N ASP A 19 -9.00 -23.14 3.35
CA ASP A 19 -9.91 -24.17 3.79
C ASP A 19 -9.61 -24.67 5.23
N TYR A 20 -10.67 -25.13 5.88
CA TYR A 20 -10.61 -25.64 7.22
C TYR A 20 -9.96 -27.03 7.17
N PRO A 21 -9.28 -27.41 8.27
CA PRO A 21 -9.06 -26.64 9.49
C PRO A 21 -7.75 -25.85 9.68
N ASN A 22 -7.32 -25.19 8.61
CA ASN A 22 -6.09 -24.42 8.63
C ASN A 22 -6.08 -23.29 9.61
N PRO A 23 -4.93 -23.09 10.30
CA PRO A 23 -4.73 -21.87 11.12
C PRO A 23 -4.71 -20.63 10.24
N SER A 24 -5.01 -19.48 10.81
CA SER A 24 -4.86 -18.21 10.07
C SER A 24 -3.40 -18.05 9.67
N ILE A 25 -3.16 -17.43 8.53
CA ILE A 25 -1.80 -17.13 8.09
C ILE A 25 -1.02 -16.38 9.17
N SER A 26 -1.69 -15.46 9.86
CA SER A 26 -0.97 -14.61 10.77
C SER A 26 -0.51 -15.34 12.04
N CYS A 27 -1.38 -16.17 12.61
CA CYS A 27 -1.01 -16.83 13.85
C CYS A 27 -0.07 -17.96 13.53
N LYS A 28 -0.12 -18.49 12.33
CA LYS A 28 0.78 -19.52 11.92
C LYS A 28 2.17 -18.93 11.77
N ARG A 29 2.25 -17.82 11.07
CA ARG A 29 3.49 -17.09 10.94
C ARG A 29 4.03 -16.72 12.31
N ALA A 30 3.13 -16.22 13.16
CA ALA A 30 3.49 -15.84 14.52
C ALA A 30 4.11 -17.00 15.32
N PHE A 31 3.46 -18.16 15.24
CA PHE A 31 3.93 -19.36 15.92
C PHE A 31 5.26 -19.81 15.34
N GLU A 32 5.34 -19.97 14.03
CA GLU A 32 6.58 -20.46 13.42
C GLU A 32 7.76 -19.52 13.65
N TRP A 33 7.52 -18.22 13.62
CA TRP A 33 8.54 -17.26 13.84
C TRP A 33 9.06 -17.39 15.27
N THR A 34 8.14 -17.50 16.23
CA THR A 34 8.53 -17.68 17.61
C THR A 34 9.39 -18.90 17.82
N LEU A 35 9.06 -20.03 17.17
CA LEU A 35 9.87 -21.23 17.29
C LEU A 35 11.23 -21.02 16.68
N GLU A 36 11.27 -20.39 15.51
CA GLU A 36 12.49 -20.19 14.80
C GLU A 36 13.41 -19.19 15.51
N LYS A 37 12.89 -18.02 15.87
CA LYS A 37 13.74 -16.94 16.37
C LYS A 37 13.87 -16.86 17.88
N ILE A 38 12.85 -17.32 18.62
CA ILE A 38 12.89 -17.26 20.08
C ILE A 38 13.24 -18.59 20.76
N VAL A 39 12.49 -19.65 20.45
CA VAL A 39 12.75 -20.95 21.04
C VAL A 39 14.06 -21.49 20.50
N ARG A 40 14.24 -21.40 19.17
CA ARG A 40 15.45 -21.90 18.51
C ARG A 40 15.64 -23.38 18.86
N SER A 41 16.88 -23.80 19.09
CA SER A 41 17.14 -25.18 19.52
C SER A 41 16.92 -25.39 21.02
N ASN A 42 16.63 -24.31 21.74
CA ASN A 42 16.53 -24.36 23.20
C ASN A 42 15.14 -24.72 23.66
N THR A 43 14.73 -25.93 23.32
CA THR A 43 13.33 -26.32 23.42
C THR A 43 12.89 -26.61 24.85
N SER A 44 13.84 -26.79 25.77
CA SER A 44 13.46 -26.94 27.18
C SER A 44 13.42 -25.62 27.95
N ASP A 45 13.84 -24.53 27.30
CA ASP A 45 13.87 -23.22 27.93
C ASP A 45 12.53 -22.48 27.77
N PHE A 46 11.65 -23.05 26.96
CA PHE A 46 10.34 -22.46 26.67
C PHE A 46 9.22 -23.49 26.76
N LYS A 47 8.04 -23.01 27.16
CA LYS A 47 6.83 -23.80 27.15
C LYS A 47 5.73 -23.00 26.41
N ILE A 48 5.09 -23.62 25.43
CA ILE A 48 4.13 -22.92 24.62
C ILE A 48 2.72 -23.18 25.16
N LEU A 49 1.98 -22.10 25.39
CA LEU A 49 0.60 -22.22 25.86
C LEU A 49 -0.29 -21.75 24.70
N LEU A 50 -1.00 -22.68 24.07
CA LEU A 50 -1.77 -22.39 22.89
C LEU A 50 -3.21 -22.14 23.26
N LEU A 51 -3.68 -20.92 23.00
CA LEU A 51 -5.05 -20.60 23.30
C LEU A 51 -5.83 -20.27 22.03
N HIS A 52 -6.97 -20.94 21.87
CA HIS A 52 -7.94 -20.59 20.84
C HIS A 52 -9.18 -20.05 21.48
N VAL A 53 -9.63 -18.89 21.03
CA VAL A 53 -10.90 -18.40 21.51
C VAL A 53 -11.99 -18.72 20.50
N GLN A 54 -13.01 -19.42 20.96
CA GLN A 54 -14.13 -19.83 20.11
C GLN A 54 -15.34 -18.90 20.28
N VAL A 55 -15.95 -18.54 19.16
CA VAL A 55 -17.13 -17.65 19.10
C VAL A 55 -18.43 -18.34 19.44
N SER A 66 -29.05 -30.80 20.81
CA SER A 66 -28.45 -31.14 19.51
C SER A 66 -29.11 -32.33 18.78
N ILE A 67 -29.93 -31.97 17.78
CA ILE A 67 -30.76 -32.91 17.07
C ILE A 67 -30.27 -33.06 15.63
N TYR A 68 -30.21 -34.29 15.17
CA TYR A 68 -29.67 -34.60 13.85
C TYR A 68 -30.75 -35.22 12.99
N ALA A 69 -30.96 -34.66 11.79
CA ALA A 69 -32.04 -35.09 10.92
C ALA A 69 -31.62 -35.61 9.55
N SER A 70 -30.35 -35.38 9.21
CA SER A 70 -29.82 -35.70 7.89
C SER A 70 -28.33 -35.97 7.97
N PRO A 71 -27.75 -36.72 7.00
CA PRO A 71 -26.31 -36.93 6.96
C PRO A 71 -25.55 -35.60 6.99
N GLU A 72 -26.14 -34.60 6.35
CA GLU A 72 -25.56 -33.28 6.23
C GLU A 72 -25.33 -32.59 7.57
N ASP A 73 -26.25 -32.84 8.52
CA ASP A 73 -26.13 -32.34 9.89
C ASP A 73 -24.89 -32.82 10.63
N PHE A 74 -24.41 -34.01 10.29
CA PHE A 74 -23.21 -34.56 10.90
C PHE A 74 -21.93 -33.98 10.30
N ARG A 75 -22.01 -33.59 9.03
CA ARG A 75 -20.89 -32.92 8.41
C ARG A 75 -20.74 -31.51 8.96
N ASP A 76 -21.87 -30.85 9.21
CA ASP A 76 -21.87 -29.53 9.84
C ASP A 76 -21.25 -29.52 11.22
N MSE A 77 -21.61 -30.51 12.04
CA MSE A 77 -21.11 -30.67 13.40
CA MSE A 77 -21.11 -30.57 13.40
C MSE A 77 -19.60 -30.76 13.36
O MSE A 77 -18.89 -30.11 14.15
CB MSE A 77 -21.70 -31.95 14.03
CB MSE A 77 -21.82 -31.66 14.22
CG MSE A 77 -20.90 -32.55 15.18
CG MSE A 77 -23.35 -31.64 14.10
SE MSE A 77 -21.42 -34.38 15.59
SE MSE A 77 -24.35 -30.14 14.92
CE MSE A 77 -20.65 -35.31 14.04
CE MSE A 77 -26.05 -30.23 13.93
N ARG A 78 -19.12 -31.58 12.44
CA ARG A 78 -17.72 -31.81 12.26
C ARG A 78 -17.02 -30.54 11.80
N GLN A 79 -17.79 -29.54 11.43
CA GLN A 79 -17.27 -28.25 10.98
C GLN A 79 -17.71 -27.12 11.92
N SER A 80 -18.20 -27.47 13.09
CA SER A 80 -18.58 -26.47 14.09
C SER A 80 -17.33 -25.72 14.56
N ASN A 81 -17.54 -24.66 15.34
CA ASN A 81 -16.47 -23.91 15.96
C ASN A 81 -15.68 -24.74 16.96
N LYS A 82 -16.38 -25.59 17.70
CA LYS A 82 -15.74 -26.50 18.64
C LYS A 82 -14.73 -27.35 17.91
N ALA A 83 -15.15 -27.95 16.81
CA ALA A 83 -14.29 -28.83 16.04
C ALA A 83 -13.20 -28.03 15.33
N LYS A 84 -13.59 -26.94 14.68
CA LYS A 84 -12.61 -26.01 14.10
C LYS A 84 -11.60 -25.66 15.17
N GLY A 85 -12.07 -25.48 16.40
CA GLY A 85 -11.16 -25.20 17.50
C GLY A 85 -10.15 -26.30 17.80
N LEU A 86 -10.63 -27.52 17.99
CA LEU A 86 -9.77 -28.62 18.41
C LEU A 86 -8.75 -28.96 17.31
N HIS A 87 -9.19 -29.00 16.06
CA HIS A 87 -8.32 -29.31 14.91
C HIS A 87 -7.18 -28.30 14.85
N LEU A 88 -7.52 -27.07 15.17
CA LEU A 88 -6.59 -26.00 15.22
C LEU A 88 -5.50 -26.25 16.27
N LEU A 89 -5.92 -26.55 17.49
CA LEU A 89 -5.04 -26.89 18.59
C LEU A 89 -4.13 -28.07 18.26
N GLU A 90 -4.71 -29.10 17.66
CA GLU A 90 -3.98 -30.28 17.28
C GLU A 90 -2.87 -29.99 16.25
N PHE A 91 -3.13 -29.07 15.32
CA PHE A 91 -2.09 -28.64 14.38
C PHE A 91 -0.86 -28.09 15.10
N PHE A 92 -1.07 -27.21 16.07
CA PHE A 92 0.05 -26.58 16.77
C PHE A 92 0.73 -27.47 17.80
N VAL A 93 -0.05 -28.36 18.40
CA VAL A 93 0.46 -29.29 19.37
C VAL A 93 1.39 -30.29 18.65
N ASN A 94 1.01 -30.67 17.44
CA ASN A 94 1.86 -31.53 16.63
C ASN A 94 3.16 -30.84 16.28
N LYS A 95 3.07 -29.53 15.97
CA LYS A 95 4.21 -28.70 15.61
C LYS A 95 5.21 -28.61 16.77
N CYS A 96 4.67 -28.44 17.97
CA CYS A 96 5.44 -28.46 19.21
C CYS A 96 6.10 -29.81 19.53
N HIS A 97 5.31 -30.87 19.36
CA HIS A 97 5.79 -32.20 19.67
C HIS A 97 6.90 -32.61 18.70
N GLU A 98 6.77 -32.19 17.45
CA GLU A 98 7.75 -32.54 16.43
C GLU A 98 9.15 -32.05 16.76
N ILE A 99 9.25 -30.83 17.31
CA ILE A 99 10.54 -30.29 17.68
C ILE A 99 10.86 -30.43 19.18
N GLY A 100 9.96 -31.08 19.91
CA GLY A 100 10.17 -31.38 21.33
C GLY A 100 9.95 -30.24 22.33
N VAL A 101 9.20 -29.22 21.96
CA VAL A 101 8.84 -28.14 22.88
C VAL A 101 7.59 -28.55 23.66
N GLY A 102 7.64 -28.46 24.99
CA GLY A 102 6.46 -28.68 25.81
C GLY A 102 5.38 -27.66 25.45
N CYS A 103 4.13 -28.11 25.46
CA CYS A 103 3.01 -27.24 25.22
C CYS A 103 1.76 -27.63 25.98
N GLU A 104 0.87 -26.67 26.13
CA GLU A 104 -0.46 -26.88 26.63
C GLU A 104 -1.39 -26.14 25.72
N ALA A 105 -2.49 -26.77 25.35
CA ALA A 105 -3.40 -26.11 24.42
C ALA A 105 -4.81 -26.27 24.91
N TRP A 106 -5.59 -25.19 24.84
CA TRP A 106 -6.98 -25.27 25.25
C TRP A 106 -7.81 -24.20 24.57
N ILE A 107 -9.12 -24.33 24.77
CA ILE A 107 -10.10 -23.46 24.16
C ILE A 107 -10.88 -22.75 25.26
N LYS A 108 -11.09 -21.46 25.07
CA LYS A 108 -12.01 -20.68 25.87
C LYS A 108 -13.07 -20.10 24.95
N THR A 109 -14.21 -19.71 25.51
CA THR A 109 -15.28 -19.16 24.71
C THR A 109 -15.49 -17.67 25.01
N GLY A 110 -15.92 -16.91 24.01
CA GLY A 110 -16.34 -15.52 24.22
C GLY A 110 -15.71 -14.62 23.19
N ASP A 111 -15.62 -13.33 23.50
CA ASP A 111 -14.95 -12.40 22.59
C ASP A 111 -13.42 -12.62 22.65
N PRO A 112 -12.81 -12.98 21.50
CA PRO A 112 -11.38 -13.32 21.48
C PRO A 112 -10.44 -12.33 22.18
N LYS A 113 -10.53 -11.04 21.89
CA LYS A 113 -9.59 -10.09 22.48
C LYS A 113 -9.76 -9.98 24.01
N ASP A 114 -11.01 -9.96 24.47
CA ASP A 114 -11.32 -9.94 25.89
C ASP A 114 -10.80 -11.21 26.59
N VAL A 115 -11.07 -12.35 25.97
CA VAL A 115 -10.72 -13.65 26.55
C VAL A 115 -9.22 -13.85 26.61
N ILE A 116 -8.53 -13.49 25.52
CA ILE A 116 -7.07 -13.57 25.51
C ILE A 116 -6.51 -12.81 26.71
N CYS A 117 -7.02 -11.60 26.94
CA CYS A 117 -6.60 -10.80 28.09
C CYS A 117 -6.99 -11.41 29.42
N GLN A 118 -8.18 -11.99 29.50
CA GLN A 118 -8.59 -12.65 30.74
C GLN A 118 -7.67 -13.85 31.00
N GLU A 119 -7.30 -14.53 29.93
CA GLU A 119 -6.47 -15.72 30.05
C GLU A 119 -5.04 -15.36 30.44
N VAL A 120 -4.54 -14.25 29.92
CA VAL A 120 -3.25 -13.73 30.35
C VAL A 120 -3.20 -13.52 31.84
N LYS A 121 -4.21 -12.87 32.41
CA LYS A 121 -4.19 -12.68 33.84
C LYS A 121 -4.49 -13.91 34.71
N ARG A 122 -5.05 -14.96 34.10
CA ARG A 122 -5.37 -16.21 34.81
C ARG A 122 -4.14 -17.12 34.79
N VAL A 123 -3.56 -17.27 33.61
CA VAL A 123 -2.51 -18.24 33.37
C VAL A 123 -1.16 -17.64 33.70
N ARG A 124 -1.07 -16.33 33.54
CA ARG A 124 0.16 -15.58 33.79
C ARG A 124 1.35 -16.10 33.02
N PRO A 125 1.27 -16.05 31.69
CA PRO A 125 2.41 -16.45 30.83
C PRO A 125 3.46 -15.33 30.88
N ASP A 126 4.69 -15.64 30.53
CA ASP A 126 5.71 -14.64 30.60
C ASP A 126 5.45 -13.63 29.48
N PHE A 127 5.03 -14.11 28.32
CA PHE A 127 4.55 -13.26 27.28
C PHE A 127 3.49 -13.85 26.38
N LEU A 128 2.83 -12.96 25.62
CA LEU A 128 1.78 -13.31 24.67
C LEU A 128 2.28 -13.07 23.25
N VAL A 129 2.15 -14.06 22.40
CA VAL A 129 2.39 -13.90 20.98
C VAL A 129 1.06 -13.88 20.22
N VAL A 130 0.86 -12.84 19.42
CA VAL A 130 -0.27 -12.75 18.54
C VAL A 130 0.28 -12.43 17.19
N GLY A 131 -0.36 -12.99 16.17
CA GLY A 131 -0.14 -12.57 14.81
C GLY A 131 -0.85 -11.24 14.66
N SER A 132 -0.71 -10.61 13.50
CA SER A 132 -1.36 -9.35 13.23
C SER A 132 -1.48 -9.19 11.74
N ARG A 133 -2.64 -8.73 11.29
CA ARG A 133 -2.87 -8.52 9.89
C ARG A 133 -2.35 -7.15 9.53
N GLY A 134 -2.03 -6.36 10.54
CA GLY A 134 -1.53 -5.01 10.42
C GLY A 134 -2.54 -4.00 9.92
N LEU A 135 -3.76 -4.07 10.42
CA LEU A 135 -4.87 -3.28 9.93
C LEU A 135 -4.94 -1.82 10.43
N GLY A 136 -3.80 -1.15 10.57
CA GLY A 136 -3.86 0.30 10.86
C GLY A 136 -2.53 1.03 10.70
N THR A 145 -8.24 -5.18 15.12
CA THR A 145 -9.09 -5.64 16.22
C THR A 145 -8.34 -6.40 17.34
N VAL A 146 -7.97 -7.66 17.12
CA VAL A 146 -7.41 -8.45 18.22
C VAL A 146 -6.02 -8.04 18.72
N SER A 147 -5.04 -8.06 17.83
CA SER A 147 -3.65 -7.83 18.21
C SER A 147 -3.46 -6.47 18.87
N ALA A 148 -4.10 -5.43 18.34
CA ALA A 148 -3.98 -4.08 18.92
C ALA A 148 -4.59 -4.00 20.32
N PHE A 149 -5.70 -4.70 20.53
CA PHE A 149 -6.31 -4.75 21.85
C PHE A 149 -5.42 -5.43 22.86
N CYS A 150 -4.80 -6.54 22.46
CA CYS A 150 -3.90 -7.25 23.33
C CYS A 150 -2.66 -6.41 23.78
N VAL A 151 -2.03 -5.76 22.81
CA VAL A 151 -0.86 -4.94 23.05
C VAL A 151 -1.20 -3.87 24.06
N LYS A 152 -2.40 -3.31 23.91
CA LYS A 152 -2.85 -2.23 24.75
C LYS A 152 -3.24 -2.75 26.15
N HIS A 153 -3.84 -3.94 26.22
CA HIS A 153 -4.46 -4.33 27.46
C HIS A 153 -3.86 -5.52 28.20
N ALA A 154 -3.24 -6.45 27.49
CA ALA A 154 -2.73 -7.64 28.16
C ALA A 154 -1.74 -7.29 29.28
N GLU A 155 -1.80 -8.03 30.37
CA GLU A 155 -0.98 -7.72 31.54
C GLU A 155 0.27 -8.60 31.53
N CYS A 156 0.85 -8.73 30.34
CA CYS A 156 2.15 -9.32 30.16
C CYS A 156 2.72 -8.70 28.88
N PRO A 157 4.03 -8.88 28.63
CA PRO A 157 4.62 -8.52 27.34
C PRO A 157 3.89 -9.14 26.16
N VAL A 158 3.75 -8.38 25.09
CA VAL A 158 3.07 -8.82 23.91
C VAL A 158 4.02 -8.70 22.71
N MSE A 159 4.13 -9.79 21.96
CA MSE A 159 4.92 -9.86 20.78
C MSE A 159 3.91 -9.89 19.67
O MSE A 159 3.09 -10.82 19.62
CB MSE A 159 5.69 -11.18 20.79
CG MSE A 159 6.46 -11.43 19.51
SE MSE A 159 7.97 -10.20 19.40
CE MSE A 159 9.12 -11.21 20.38
N THR A 160 3.94 -8.89 18.78
CA THR A 160 3.07 -8.88 17.62
C THR A 160 3.92 -9.16 16.40
N ILE A 161 3.54 -10.21 15.66
CA ILE A 161 4.24 -10.63 14.46
C ILE A 161 3.30 -10.53 13.30
N LYS A 162 3.73 -9.80 12.27
CA LYS A 162 2.98 -9.59 11.04
C LYS A 162 3.44 -10.60 10.02
N ARG A 163 2.65 -10.81 8.98
CA ARG A 163 2.90 -11.83 7.99
C ARG A 163 3.98 -11.35 7.04
N ASN A 164 4.65 -12.29 6.38
CA ASN A 164 5.57 -11.95 5.31
C ASN A 164 4.78 -11.34 4.18
N ALA A 165 5.42 -10.46 3.41
CA ALA A 165 4.80 -9.85 2.26
C ALA A 165 4.24 -10.91 1.30
N ASP A 166 4.96 -12.01 1.16
CA ASP A 166 4.64 -12.98 0.11
C ASP A 166 3.52 -13.96 0.53
N GLU A 167 3.03 -13.82 1.75
CA GLU A 167 1.91 -14.64 2.20
C GLU A 167 0.74 -13.77 2.64
N THR A 168 0.86 -12.46 2.48
CA THR A 168 -0.19 -11.53 2.79
C THR A 168 -1.18 -11.50 1.61
N PRO A 169 -2.47 -11.81 1.87
CA PRO A 169 -3.44 -11.84 0.79
C PRO A 169 -3.70 -10.43 0.30
N SER A 170 -4.12 -10.29 -0.95
CA SER A 170 -4.27 -8.96 -1.54
C SER A 170 -5.17 -8.07 -0.67
N ASP A 171 -6.16 -8.66 -0.03
CA ASP A 171 -6.94 -7.95 0.97
C ASP A 171 -6.42 -8.35 2.34
N PRO A 172 -5.77 -7.41 3.04
CA PRO A 172 -5.09 -7.75 4.29
C PRO A 172 -6.03 -8.22 5.40
N ALA A 173 -7.31 -7.90 5.28
CA ALA A 173 -8.31 -8.34 6.27
C ALA A 173 -8.46 -9.85 6.25
N ASP A 174 -8.23 -10.44 5.08
CA ASP A 174 -8.21 -11.88 4.86
C ASP A 174 -7.09 -12.51 5.62
N ASP A 175 -7.41 -13.63 6.26
CA ASP A 175 -6.46 -14.33 7.09
C ASP A 175 -6.86 -15.81 7.07
N PRO B 5 22.07 -16.17 15.42
CA PRO B 5 21.87 -15.42 16.67
C PRO B 5 20.76 -14.40 16.45
N THR B 6 19.74 -14.43 17.29
CA THR B 6 18.64 -13.56 17.14
C THR B 6 19.00 -12.14 17.58
N LYS B 7 18.88 -11.20 16.65
CA LYS B 7 19.22 -9.81 16.89
C LYS B 7 18.00 -9.09 17.45
N VAL B 8 18.12 -8.64 18.69
CA VAL B 8 17.03 -8.01 19.40
C VAL B 8 17.35 -6.53 19.54
N MSE B 9 16.56 -5.68 18.89
CA MSE B 9 16.78 -4.25 19.04
C MSE B 9 15.99 -3.78 20.22
O MSE B 9 14.84 -4.13 20.34
CB MSE B 9 16.33 -3.48 17.83
CG MSE B 9 16.82 -2.06 17.91
SE MSE B 9 16.47 -1.13 16.30
CE MSE B 9 14.76 -0.67 16.63
N VAL B 10 16.63 -3.04 21.12
CA VAL B 10 15.95 -2.53 22.31
C VAL B 10 16.05 -1.02 22.30
N ALA B 11 14.90 -0.35 22.20
CA ALA B 11 14.85 1.11 22.19
C ALA B 11 14.90 1.62 23.62
N VAL B 12 15.91 2.41 23.93
CA VAL B 12 16.17 2.81 25.30
C VAL B 12 16.17 4.32 25.43
N ASN B 13 15.59 4.82 26.52
CA ASN B 13 15.55 6.24 26.72
C ASN B 13 15.72 6.61 28.19
N ALA B 14 15.90 7.90 28.45
CA ALA B 14 16.17 8.44 29.76
C ALA B 14 14.88 8.60 30.57
N SER B 15 14.98 8.53 31.89
CA SER B 15 13.84 8.81 32.75
C SER B 15 13.65 10.32 32.89
N THR B 16 12.39 10.72 32.98
CA THR B 16 12.03 12.12 33.19
C THR B 16 11.78 12.43 34.67
N ILE B 17 11.56 11.39 35.48
CA ILE B 17 11.32 11.58 36.91
C ILE B 17 12.48 11.11 37.76
N LYS B 18 13.07 9.97 37.41
CA LYS B 18 14.28 9.55 38.11
C LYS B 18 15.45 10.39 37.63
N ASP B 19 16.34 10.71 38.58
CA ASP B 19 17.51 11.52 38.30
C ASP B 19 18.33 10.88 37.16
N TYR B 20 19.02 11.74 36.42
CA TYR B 20 19.94 11.30 35.38
C TYR B 20 21.21 10.66 35.99
N PRO B 21 21.80 9.64 35.30
CA PRO B 21 21.51 9.17 33.95
C PRO B 21 20.61 7.92 33.86
N ASN B 22 19.64 7.80 34.75
CA ASN B 22 18.82 6.60 34.78
C ASN B 22 17.97 6.39 33.54
N PRO B 23 17.89 5.14 33.08
CA PRO B 23 16.95 4.76 32.02
C PRO B 23 15.51 4.94 32.46
N SER B 24 14.60 5.12 31.52
CA SER B 24 13.19 5.18 31.84
C SER B 24 12.77 3.83 32.46
N ILE B 25 11.79 3.87 33.36
CA ILE B 25 11.31 2.68 34.03
C ILE B 25 10.86 1.67 32.99
N SER B 26 10.15 2.15 31.98
CA SER B 26 9.59 1.30 30.96
C SER B 26 10.61 0.56 30.12
N CYS B 27 11.67 1.24 29.68
CA CYS B 27 12.63 0.59 28.80
C CYS B 27 13.58 -0.26 29.64
N LYS B 28 13.81 0.13 30.88
CA LYS B 28 14.61 -0.69 31.79
C LYS B 28 13.87 -2.01 32.04
N ARG B 29 12.60 -1.93 32.40
CA ARG B 29 11.83 -3.12 32.60
C ARG B 29 11.82 -3.95 31.31
N ALA B 30 11.66 -3.31 30.17
CA ALA B 30 11.57 -4.05 28.93
C ALA B 30 12.89 -4.79 28.66
N PHE B 31 14.00 -4.08 28.86
CA PHE B 31 15.33 -4.66 28.71
C PHE B 31 15.56 -5.83 29.65
N GLU B 32 15.27 -5.64 30.93
CA GLU B 32 15.49 -6.66 31.93
C GLU B 32 14.59 -7.86 31.72
N TRP B 33 13.33 -7.63 31.33
CA TRP B 33 12.44 -8.73 31.09
C TRP B 33 12.97 -9.58 29.93
N THR B 34 13.42 -8.90 28.88
CA THR B 34 13.94 -9.58 27.72
C THR B 34 15.11 -10.48 28.07
N LEU B 35 16.05 -9.97 28.86
CA LEU B 35 17.13 -10.82 29.35
C LEU B 35 16.67 -11.98 30.24
N GLU B 36 15.74 -11.73 31.15
CA GLU B 36 15.22 -12.78 32.03
C GLU B 36 14.49 -13.84 31.25
N LYS B 37 13.51 -13.44 30.45
CA LYS B 37 12.55 -14.38 29.93
C LYS B 37 12.83 -14.84 28.49
N ILE B 38 13.57 -14.06 27.73
CA ILE B 38 13.87 -14.41 26.34
C ILE B 38 15.30 -14.94 26.21
N VAL B 39 16.26 -14.15 26.66
CA VAL B 39 17.65 -14.53 26.50
C VAL B 39 17.96 -15.67 27.49
N ARG B 40 17.39 -15.58 28.69
CA ARG B 40 17.62 -16.55 29.78
C ARG B 40 19.12 -16.79 29.92
N SER B 41 19.51 -18.04 30.12
CA SER B 41 20.92 -18.36 30.15
C SER B 41 21.53 -18.60 28.77
N ASN B 42 20.72 -18.53 27.71
CA ASN B 42 21.20 -18.80 26.35
C ASN B 42 21.81 -17.56 25.69
N THR B 43 22.90 -17.12 26.26
CA THR B 43 23.43 -15.80 25.98
C THR B 43 24.13 -15.67 24.62
N SER B 44 24.43 -16.80 24.00
CA SER B 44 25.03 -16.74 22.67
C SER B 44 23.98 -16.86 21.56
N ASP B 45 22.73 -17.12 21.93
CA ASP B 45 21.65 -17.27 20.97
C ASP B 45 21.04 -15.91 20.58
N PHE B 46 21.44 -14.87 21.30
CA PHE B 46 20.88 -13.53 21.15
C PHE B 46 21.96 -12.47 21.10
N LYS B 47 21.68 -11.41 20.37
CA LYS B 47 22.54 -10.24 20.30
C LYS B 47 21.65 -9.02 20.48
N ILE B 48 21.99 -8.17 21.44
CA ILE B 48 21.16 -7.03 21.77
C ILE B 48 21.70 -5.82 21.03
N LEU B 49 20.80 -5.14 20.34
CA LEU B 49 21.15 -3.91 19.67
C LEU B 49 20.45 -2.78 20.39
N LEU B 50 21.21 -1.93 21.08
CA LEU B 50 20.60 -0.89 21.88
C LEU B 50 20.64 0.45 21.17
N LEU B 51 19.45 0.99 20.97
CA LEU B 51 19.28 2.23 20.26
C LEU B 51 18.68 3.25 21.19
N HIS B 52 19.35 4.39 21.30
CA HIS B 52 18.76 5.55 21.91
C HIS B 52 18.65 6.65 20.87
N VAL B 53 17.44 7.20 20.76
CA VAL B 53 17.26 8.36 19.87
C VAL B 53 17.28 9.61 20.68
N GLN B 54 18.12 10.54 20.24
CA GLN B 54 18.22 11.80 20.92
C GLN B 54 17.50 12.88 20.15
N VAL B 55 16.82 13.77 20.88
CA VAL B 55 16.17 14.92 20.26
C VAL B 55 17.09 16.13 20.22
N SER B 66 31.23 29.12 24.82
CA SER B 66 31.63 28.31 25.97
C SER B 66 32.73 29.01 26.81
N ILE B 67 32.34 29.92 27.71
CA ILE B 67 33.28 30.81 28.42
C ILE B 67 33.28 30.39 29.89
N TYR B 68 34.47 30.33 30.50
CA TYR B 68 34.63 29.84 31.86
C TYR B 68 35.32 30.92 32.67
N ALA B 69 34.73 31.29 33.80
CA ALA B 69 35.25 32.43 34.57
C ALA B 69 35.59 32.10 36.02
N SER B 70 35.24 30.89 36.45
CA SER B 70 35.45 30.47 37.86
C SER B 70 35.48 28.94 37.93
N PRO B 71 36.09 28.38 39.00
CA PRO B 71 36.11 26.91 39.17
C PRO B 71 34.69 26.31 39.07
N GLU B 72 33.72 27.04 39.62
CA GLU B 72 32.31 26.65 39.65
C GLU B 72 31.77 26.31 38.27
N ASP B 73 32.22 27.04 37.26
CA ASP B 73 31.74 26.87 35.88
C ASP B 73 32.19 25.55 35.27
N PHE B 74 33.27 24.99 35.81
CA PHE B 74 33.80 23.68 35.39
C PHE B 74 33.00 22.52 35.99
N ARG B 75 32.51 22.75 37.21
CA ARG B 75 31.63 21.81 37.91
C ARG B 75 30.29 21.70 37.20
N ASP B 76 29.74 22.86 36.81
CA ASP B 76 28.45 22.93 36.07
C ASP B 76 28.52 22.15 34.75
N MSE B 77 29.64 22.32 34.04
CA MSE B 77 29.92 21.59 32.79
C MSE B 77 29.72 20.08 32.92
O MSE B 77 29.00 19.47 32.12
CB MSE B 77 31.38 21.88 32.41
CG MSE B 77 32.04 20.81 31.52
SE MSE B 77 33.90 21.02 32.05
CE MSE B 77 33.96 19.61 33.55
N GLY B 85 22.85 10.75 26.47
CA GLY B 85 22.59 9.57 25.66
C GLY B 85 23.63 8.50 25.92
N LEU B 86 24.89 8.91 25.99
CA LEU B 86 26.00 7.97 26.13
C LEU B 86 25.95 7.20 27.43
N HIS B 87 25.67 7.90 28.52
CA HIS B 87 25.67 7.26 29.84
C HIS B 87 24.50 6.30 29.97
N LEU B 88 23.46 6.55 29.20
CA LEU B 88 22.33 5.67 29.10
C LEU B 88 22.79 4.36 28.45
N LEU B 89 23.43 4.47 27.29
CA LEU B 89 23.90 3.31 26.54
C LEU B 89 24.82 2.47 27.40
N GLU B 90 25.73 3.14 28.09
CA GLU B 90 26.67 2.49 29.02
C GLU B 90 25.98 1.65 30.08
N PHE B 91 24.85 2.11 30.61
CA PHE B 91 24.10 1.33 31.60
C PHE B 91 23.69 -0.03 31.03
N PHE B 92 23.20 -0.04 29.81
CA PHE B 92 22.73 -1.27 29.21
C PHE B 92 23.86 -2.15 28.72
N VAL B 93 24.94 -1.53 28.26
CA VAL B 93 26.08 -2.28 27.76
C VAL B 93 26.71 -3.03 28.92
N ASN B 94 26.77 -2.38 30.08
CA ASN B 94 27.24 -3.02 31.31
C ASN B 94 26.37 -4.22 31.69
N LYS B 95 25.05 -4.04 31.61
CA LYS B 95 24.11 -5.11 31.93
C LYS B 95 24.33 -6.32 31.01
N CYS B 96 24.54 -6.07 29.72
CA CYS B 96 24.85 -7.12 28.76
C CYS B 96 26.16 -7.83 29.03
N HIS B 97 27.19 -7.02 29.32
CA HIS B 97 28.51 -7.53 29.60
C HIS B 97 28.44 -8.44 30.80
N GLU B 98 27.68 -8.02 31.81
CA GLU B 98 27.64 -8.71 33.10
C GLU B 98 27.16 -10.14 32.96
N ILE B 99 26.17 -10.36 32.10
CA ILE B 99 25.64 -11.71 31.89
C ILE B 99 26.21 -12.34 30.61
N GLY B 100 27.03 -11.59 29.90
CA GLY B 100 27.75 -12.12 28.76
C GLY B 100 27.03 -12.15 27.44
N VAL B 101 25.97 -11.35 27.28
CA VAL B 101 25.34 -11.24 25.97
C VAL B 101 26.03 -10.21 25.12
N GLY B 102 26.27 -10.56 23.85
CA GLY B 102 26.85 -9.62 22.90
C GLY B 102 25.87 -8.50 22.67
N CYS B 103 26.40 -7.29 22.54
CA CYS B 103 25.59 -6.12 22.27
C CYS B 103 26.31 -5.08 21.41
N GLU B 104 25.52 -4.28 20.72
CA GLU B 104 26.01 -3.08 20.09
C GLU B 104 25.05 -1.97 20.46
N ALA B 105 25.59 -0.80 20.75
CA ALA B 105 24.77 0.29 21.21
C ALA B 105 25.18 1.56 20.49
N TRP B 106 24.20 2.37 20.12
CA TRP B 106 24.52 3.64 19.45
C TRP B 106 23.36 4.59 19.56
N ILE B 107 23.61 5.81 19.11
CA ILE B 107 22.65 6.87 19.19
C ILE B 107 22.35 7.34 17.77
N LYS B 108 21.09 7.66 17.52
CA LYS B 108 20.72 8.35 16.29
C LYS B 108 19.94 9.58 16.70
N THR B 109 19.78 10.52 15.77
CA THR B 109 19.16 11.80 16.07
C THR B 109 17.84 11.94 15.31
N GLY B 110 16.87 12.61 15.93
CA GLY B 110 15.62 12.93 15.26
C GLY B 110 14.41 12.57 16.11
N ASP B 111 13.26 12.44 15.45
CA ASP B 111 12.04 12.05 16.15
C ASP B 111 12.14 10.57 16.50
N PRO B 112 12.10 10.25 17.80
CA PRO B 112 12.35 8.89 18.28
C PRO B 112 11.54 7.80 17.56
N LYS B 113 10.24 8.02 17.36
CA LYS B 113 9.40 6.94 16.82
C LYS B 113 9.70 6.72 15.35
N ASP B 114 10.03 7.78 14.63
CA ASP B 114 10.41 7.65 13.23
C ASP B 114 11.78 7.00 13.12
N VAL B 115 12.70 7.44 13.96
CA VAL B 115 14.09 6.99 13.86
C VAL B 115 14.21 5.50 14.21
N ILE B 116 13.52 5.08 15.26
CA ILE B 116 13.43 3.68 15.61
C ILE B 116 13.02 2.87 14.38
N CYS B 117 11.95 3.30 13.72
CA CYS B 117 11.47 2.61 12.53
C CYS B 117 12.47 2.66 11.38
N GLN B 118 13.14 3.80 11.20
CA GLN B 118 14.20 3.93 10.19
C GLN B 118 15.35 2.97 10.50
N GLU B 119 15.65 2.83 11.79
CA GLU B 119 16.74 1.95 12.22
C GLU B 119 16.39 0.49 12.10
N VAL B 120 15.11 0.15 12.27
CA VAL B 120 14.68 -1.23 12.02
C VAL B 120 14.92 -1.61 10.57
N LYS B 121 14.53 -0.74 9.65
CA LYS B 121 14.73 -1.06 8.24
C LYS B 121 16.20 -1.01 7.79
N ARG B 122 17.05 -0.33 8.55
CA ARG B 122 18.46 -0.26 8.21
C ARG B 122 19.28 -1.42 8.80
N VAL B 123 19.08 -1.66 10.09
CA VAL B 123 19.81 -2.67 10.83
C VAL B 123 19.22 -4.06 10.63
N ARG B 124 17.92 -4.11 10.33
CA ARG B 124 17.15 -5.36 10.22
C ARG B 124 17.33 -6.31 11.39
N PRO B 125 16.93 -5.88 12.60
CA PRO B 125 16.99 -6.77 13.73
C PRO B 125 15.85 -7.78 13.58
N ASP B 126 15.91 -8.91 14.29
CA ASP B 126 14.87 -9.90 14.16
C ASP B 126 13.63 -9.42 14.81
N PHE B 127 13.78 -8.68 15.92
CA PHE B 127 12.64 -7.96 16.50
C PHE B 127 13.05 -6.79 17.34
N LEU B 128 12.06 -5.99 17.69
CA LEU B 128 12.18 -4.72 18.38
C LEU B 128 11.51 -4.84 19.72
N VAL B 129 12.24 -4.43 20.74
CA VAL B 129 11.69 -4.36 22.08
C VAL B 129 11.53 -2.92 22.46
N VAL B 130 10.32 -2.55 22.87
CA VAL B 130 10.06 -1.21 23.38
C VAL B 130 9.32 -1.39 24.67
N GLY B 131 9.63 -0.54 25.62
CA GLY B 131 8.80 -0.43 26.81
C GLY B 131 7.52 0.27 26.40
N SER B 132 6.62 0.43 27.33
CA SER B 132 5.40 1.16 27.04
C SER B 132 4.80 1.66 28.33
N ARG B 133 4.34 2.89 28.31
CA ARG B 133 3.73 3.45 29.50
C ARG B 133 2.23 3.09 29.50
N GLY B 134 1.78 2.52 28.38
CA GLY B 134 0.42 2.05 28.22
C GLY B 134 -0.62 3.16 28.21
N LEU B 135 -0.31 4.27 27.54
CA LEU B 135 -1.19 5.43 27.56
C LEU B 135 -2.35 5.38 26.58
N GLY B 136 -3.16 4.32 26.62
CA GLY B 136 -4.44 4.34 25.89
C GLY B 136 -5.25 3.08 26.13
N THR B 145 2.58 7.34 22.37
CA THR B 145 3.30 7.85 21.21
C THR B 145 4.27 6.83 20.63
N VAL B 146 5.44 6.64 21.24
CA VAL B 146 6.48 5.79 20.62
C VAL B 146 6.14 4.32 20.42
N SER B 147 5.76 3.63 21.49
CA SER B 147 5.51 2.20 21.43
C SER B 147 4.36 1.85 20.47
N ALA B 148 3.32 2.68 20.46
CA ALA B 148 2.19 2.46 19.56
C ALA B 148 2.55 2.65 18.09
N PHE B 149 3.43 3.61 17.83
CA PHE B 149 3.85 3.87 16.49
C PHE B 149 4.72 2.73 16.00
N CYS B 150 5.59 2.22 16.86
CA CYS B 150 6.48 1.11 16.48
C CYS B 150 5.73 -0.15 16.10
N VAL B 151 4.80 -0.57 16.96
CA VAL B 151 3.93 -1.70 16.69
C VAL B 151 3.23 -1.51 15.35
N LYS B 152 2.80 -0.30 15.09
CA LYS B 152 2.04 -0.05 13.88
C LYS B 152 2.96 -0.13 12.66
N HIS B 153 4.16 0.41 12.78
CA HIS B 153 4.95 0.70 11.59
C HIS B 153 6.30 -0.01 11.44
N ALA B 154 6.91 -0.45 12.53
CA ALA B 154 8.18 -1.16 12.44
C ALA B 154 8.08 -2.36 11.47
N GLU B 155 9.15 -2.59 10.70
CA GLU B 155 9.17 -3.63 9.68
C GLU B 155 9.85 -4.88 10.23
N CYS B 156 9.66 -5.10 11.53
CA CYS B 156 10.03 -6.32 12.15
C CYS B 156 8.99 -6.58 13.26
N PRO B 157 8.86 -7.84 13.72
CA PRO B 157 8.09 -8.04 14.95
C PRO B 157 8.47 -7.11 16.11
N VAL B 158 7.46 -6.77 16.90
CA VAL B 158 7.60 -5.86 18.00
C VAL B 158 7.16 -6.51 19.32
N MSE B 159 8.01 -6.41 20.32
CA MSE B 159 7.64 -6.86 21.64
C MSE B 159 7.40 -5.61 22.47
O MSE B 159 8.33 -4.78 22.67
CB MSE B 159 8.77 -7.70 22.20
CG MSE B 159 8.68 -8.04 23.68
SE MSE B 159 7.54 -9.51 23.88
CE MSE B 159 8.85 -10.85 23.88
N THR B 160 6.18 -5.46 22.97
CA THR B 160 5.85 -4.31 23.80
C THR B 160 5.75 -4.76 25.23
N ILE B 161 6.48 -4.09 26.10
CA ILE B 161 6.53 -4.49 27.48
C ILE B 161 6.11 -3.31 28.32
N LYS B 162 5.07 -3.53 29.12
CA LYS B 162 4.58 -2.52 30.04
C LYS B 162 5.20 -2.73 31.42
N ARG B 163 5.16 -1.68 32.23
CA ARG B 163 5.82 -1.68 33.54
C ARG B 163 5.02 -2.53 34.49
N ASN B 164 5.67 -3.07 35.53
CA ASN B 164 4.96 -3.76 36.61
C ASN B 164 4.13 -2.69 37.31
N ALA B 165 3.02 -3.11 37.91
CA ALA B 165 2.15 -2.22 38.68
C ALA B 165 2.90 -1.47 39.78
N ASP B 166 3.83 -2.16 40.44
CA ASP B 166 4.56 -1.62 41.61
C ASP B 166 5.67 -0.63 41.25
N GLU B 167 5.94 -0.47 39.96
CA GLU B 167 6.94 0.49 39.50
C GLU B 167 6.33 1.50 38.52
N THR B 168 5.01 1.46 38.36
CA THR B 168 4.28 2.46 37.58
C THR B 168 4.02 3.69 38.44
N PRO B 169 4.49 4.88 38.00
CA PRO B 169 4.30 6.12 38.77
C PRO B 169 2.82 6.49 38.77
N SER B 170 2.38 7.22 39.80
CA SER B 170 0.96 7.56 39.93
C SER B 170 0.43 8.20 38.64
N ASP B 171 1.26 9.03 38.02
CA ASP B 171 0.98 9.57 36.70
C ASP B 171 1.69 8.70 35.67
N PRO B 172 0.90 7.95 34.87
CA PRO B 172 1.45 6.97 33.92
C PRO B 172 2.37 7.61 32.87
N ALA B 173 2.13 8.88 32.54
CA ALA B 173 2.96 9.60 31.56
C ALA B 173 4.42 9.75 31.99
N ASP B 174 4.65 9.83 33.30
CA ASP B 174 6.02 9.88 33.79
C ASP B 174 6.72 8.54 33.31
N PRO C 5 18.30 22.51 -26.91
CA PRO C 5 17.28 23.02 -25.99
C PRO C 5 17.60 22.55 -24.56
N THR C 6 17.77 23.49 -23.66
CA THR C 6 18.26 23.19 -22.32
C THR C 6 17.14 22.51 -21.52
N LYS C 7 17.40 21.29 -21.05
CA LYS C 7 16.42 20.56 -20.27
C LYS C 7 16.58 20.95 -18.82
N VAL C 8 15.51 21.53 -18.29
CA VAL C 8 15.48 22.04 -16.93
C VAL C 8 14.52 21.13 -16.15
N MSE C 9 15.03 20.38 -15.20
CA MSE C 9 14.18 19.55 -14.37
C MSE C 9 13.76 20.37 -13.20
O MSE C 9 14.61 20.99 -12.55
CB MSE C 9 14.90 18.29 -13.91
CG MSE C 9 14.13 17.49 -12.86
SE MSE C 9 14.88 15.71 -12.67
CE MSE C 9 15.10 15.76 -10.97
N VAL C 10 12.46 20.40 -12.90
CA VAL C 10 11.97 21.21 -11.76
C VAL C 10 11.26 20.24 -10.84
N ALA C 11 11.74 20.18 -9.59
CA ALA C 11 11.12 19.29 -8.60
C ALA C 11 9.97 20.03 -7.92
N VAL C 12 8.77 19.49 -8.05
CA VAL C 12 7.61 20.18 -7.52
C VAL C 12 6.87 19.34 -6.52
N ASN C 13 6.32 20.02 -5.52
CA ASN C 13 5.59 19.31 -4.49
C ASN C 13 4.39 20.14 -4.02
N ALA C 14 3.52 19.52 -3.23
CA ALA C 14 2.30 20.16 -2.79
C ALA C 14 2.55 20.99 -1.54
N SER C 15 1.66 21.97 -1.33
CA SER C 15 1.75 22.81 -0.16
C SER C 15 1.11 22.09 1.03
N THR C 16 1.68 22.29 2.21
CA THR C 16 1.14 21.72 3.46
C THR C 16 0.27 22.73 4.22
N ILE C 17 0.34 24.01 3.84
CA ILE C 17 -0.44 25.08 4.48
C ILE C 17 -1.53 25.59 3.56
N LYS C 18 -1.19 25.78 2.30
CA LYS C 18 -2.21 26.16 1.32
C LYS C 18 -3.05 24.93 0.96
N ASP C 19 -4.35 25.16 0.83
CA ASP C 19 -5.29 24.11 0.47
C ASP C 19 -4.85 23.41 -0.81
N TYR C 20 -5.16 22.12 -0.91
CA TYR C 20 -4.79 21.39 -2.12
C TYR C 20 -5.79 21.78 -3.22
N PRO C 21 -5.38 21.67 -4.49
CA PRO C 21 -4.14 21.11 -5.05
C PRO C 21 -2.94 22.07 -5.21
N ASN C 22 -2.84 23.10 -4.37
CA ASN C 22 -1.73 24.06 -4.52
C ASN C 22 -0.33 23.47 -4.42
N PRO C 23 0.56 23.91 -5.34
CA PRO C 23 1.97 23.61 -5.16
C PRO C 23 2.52 24.31 -3.94
N SER C 24 3.61 23.77 -3.40
CA SER C 24 4.36 24.45 -2.35
C SER C 24 4.75 25.86 -2.82
N ILE C 25 4.84 26.77 -1.87
CA ILE C 25 5.23 28.15 -2.15
C ILE C 25 6.62 28.14 -2.76
N SER C 26 7.48 27.29 -2.21
CA SER C 26 8.86 27.24 -2.64
C SER C 26 9.05 26.71 -4.05
N CYS C 27 8.32 25.66 -4.40
CA CYS C 27 8.51 25.10 -5.74
C CYS C 27 7.81 25.96 -6.78
N LYS C 28 6.75 26.64 -6.37
CA LYS C 28 6.03 27.56 -7.25
C LYS C 28 6.89 28.76 -7.58
N ARG C 29 7.48 29.35 -6.54
CA ARG C 29 8.42 30.43 -6.71
C ARG C 29 9.54 29.97 -7.62
N ALA C 30 10.08 28.79 -7.36
CA ALA C 30 11.21 28.28 -8.10
C ALA C 30 10.87 28.20 -9.59
N PHE C 31 9.71 27.62 -9.86
CA PHE C 31 9.29 27.42 -11.21
C PHE C 31 9.03 28.77 -11.88
N GLU C 32 8.30 29.65 -11.20
CA GLU C 32 8.03 30.97 -11.77
C GLU C 32 9.27 31.79 -12.06
N TRP C 33 10.21 31.75 -11.13
CA TRP C 33 11.44 32.49 -11.22
C TRP C 33 12.22 32.02 -12.45
N THR C 34 12.26 30.70 -12.62
CA THR C 34 12.96 30.07 -13.72
C THR C 34 12.35 30.50 -15.04
N LEU C 35 11.02 30.56 -15.11
CA LEU C 35 10.36 31.07 -16.33
C LEU C 35 10.65 32.55 -16.59
N GLU C 36 10.52 33.40 -15.58
CA GLU C 36 10.79 34.80 -15.82
C GLU C 36 12.27 35.11 -16.09
N LYS C 37 13.20 34.57 -15.29
CA LYS C 37 14.60 34.99 -15.35
C LYS C 37 15.46 34.14 -16.26
N ILE C 38 15.08 32.89 -16.50
CA ILE C 38 15.90 32.03 -17.34
C ILE C 38 15.33 31.78 -18.71
N VAL C 39 14.12 31.23 -18.74
CA VAL C 39 13.46 30.93 -20.00
C VAL C 39 13.13 32.25 -20.71
N ARG C 40 12.62 33.22 -19.95
CA ARG C 40 12.30 34.54 -20.48
C ARG C 40 11.37 34.36 -21.69
N SER C 41 11.55 35.14 -22.74
CA SER C 41 10.76 34.95 -23.95
C SER C 41 11.30 33.82 -24.85
N ASN C 42 12.43 33.21 -24.47
CA ASN C 42 13.10 32.23 -25.34
C ASN C 42 12.57 30.82 -25.07
N THR C 43 11.31 30.61 -25.43
CA THR C 43 10.57 29.44 -24.98
C THR C 43 10.97 28.17 -25.73
N SER C 44 11.58 28.31 -26.91
CA SER C 44 12.10 27.19 -27.67
C SER C 44 13.49 26.73 -27.21
N ASP C 45 14.14 27.54 -26.38
CA ASP C 45 15.51 27.28 -25.95
C ASP C 45 15.59 26.36 -24.73
N PHE C 46 14.43 26.13 -24.12
CA PHE C 46 14.30 25.40 -22.86
C PHE C 46 13.18 24.37 -22.93
N LYS C 47 13.35 23.26 -22.24
CA LYS C 47 12.27 22.32 -22.04
C LYS C 47 12.25 22.00 -20.54
N ILE C 48 11.04 22.04 -19.99
CA ILE C 48 10.86 21.89 -18.58
C ILE C 48 10.48 20.46 -18.28
N LEU C 49 11.19 19.85 -17.33
CA LEU C 49 10.88 18.49 -16.98
C LEU C 49 10.37 18.52 -15.56
N LEU C 50 9.08 18.25 -15.37
CA LEU C 50 8.47 18.39 -14.08
C LEU C 50 8.38 17.08 -13.32
N LEU C 51 9.03 17.02 -12.18
CA LEU C 51 9.07 15.81 -11.44
C LEU C 51 8.41 16.01 -10.09
N HIS C 52 7.39 15.21 -9.80
CA HIS C 52 6.84 15.17 -8.45
C HIS C 52 7.11 13.82 -7.86
N VAL C 53 7.63 13.81 -6.65
CA VAL C 53 7.86 12.55 -5.98
C VAL C 53 6.79 12.31 -4.93
N GLN C 54 6.14 11.17 -5.06
CA GLN C 54 5.03 10.79 -4.21
C GLN C 54 5.53 9.87 -3.09
N VAL C 55 5.16 10.16 -1.84
CA VAL C 55 5.51 9.22 -0.75
C VAL C 55 4.40 8.23 -0.49
N SER C 66 -7.32 -2.49 -3.33
CA SER C 66 -8.16 -1.31 -3.35
C SER C 66 -9.65 -1.68 -3.42
N ILE C 67 -10.28 -1.76 -2.25
CA ILE C 67 -11.67 -2.22 -2.15
C ILE C 67 -12.54 -1.08 -1.70
N TYR C 68 -13.70 -0.95 -2.34
CA TYR C 68 -14.65 0.14 -2.08
C TYR C 68 -15.94 -0.43 -1.51
N ALA C 69 -16.40 0.13 -0.41
CA ALA C 69 -17.55 -0.40 0.31
C ALA C 69 -18.69 0.61 0.48
N SER C 70 -18.39 1.87 0.19
CA SER C 70 -19.29 3.00 0.48
C SER C 70 -19.04 4.13 -0.51
N PRO C 71 -20.05 4.96 -0.81
CA PRO C 71 -19.78 6.16 -1.63
C PRO C 71 -18.63 7.00 -1.06
N GLU C 72 -18.55 7.07 0.28
CA GLU C 72 -17.48 7.74 0.99
C GLU C 72 -16.07 7.37 0.50
N ASP C 73 -15.85 6.07 0.25
CA ASP C 73 -14.52 5.60 -0.13
C ASP C 73 -14.10 6.14 -1.49
N PHE C 74 -15.09 6.49 -2.32
CA PHE C 74 -14.79 7.10 -3.63
C PHE C 74 -14.38 8.55 -3.50
N ARG C 75 -14.95 9.23 -2.52
CA ARG C 75 -14.56 10.61 -2.20
C ARG C 75 -13.13 10.64 -1.67
N ASP C 76 -12.81 9.70 -0.78
CA ASP C 76 -11.47 9.56 -0.21
C ASP C 76 -10.41 9.37 -1.29
N MSE C 77 -10.72 8.50 -2.26
CA MSE C 77 -9.80 8.19 -3.33
C MSE C 77 -9.41 9.44 -4.12
O MSE C 77 -8.23 9.65 -4.40
CB MSE C 77 -10.38 7.12 -4.27
CG MSE C 77 -9.67 7.02 -5.61
SE MSE C 77 -10.79 6.67 -7.21
CE MSE C 77 -12.40 7.81 -6.85
N ARG C 78 -10.39 10.28 -4.46
CA ARG C 78 -10.12 11.49 -5.27
C ARG C 78 -9.21 12.50 -4.55
N GLN C 79 -8.99 12.28 -3.25
CA GLN C 79 -8.10 13.11 -2.43
C GLN C 79 -6.78 12.42 -2.06
N SER C 80 -6.42 11.34 -2.76
CA SER C 80 -5.22 10.57 -2.45
C SER C 80 -3.89 11.28 -2.82
N ASN C 81 -2.77 10.71 -2.35
CA ASN C 81 -1.41 11.19 -2.71
C ASN C 81 -1.18 11.28 -4.23
N LYS C 82 -1.50 10.18 -4.93
CA LYS C 82 -1.45 10.09 -6.40
C LYS C 82 -2.32 11.16 -7.03
N ALA C 83 -3.62 11.14 -6.69
CA ALA C 83 -4.56 12.16 -7.13
C ALA C 83 -3.93 13.55 -6.98
N LYS C 84 -3.41 13.82 -5.79
CA LYS C 84 -2.79 15.09 -5.48
C LYS C 84 -1.56 15.30 -6.34
N GLY C 85 -0.81 14.22 -6.58
CA GLY C 85 0.36 14.30 -7.44
C GLY C 85 0.01 14.80 -8.82
N LEU C 86 -1.03 14.24 -9.43
CA LEU C 86 -1.40 14.61 -10.79
C LEU C 86 -1.87 16.05 -10.92
N HIS C 87 -2.70 16.51 -10.00
CA HIS C 87 -3.23 17.89 -10.03
C HIS C 87 -2.10 18.90 -9.95
N LEU C 88 -1.06 18.48 -9.27
CA LEU C 88 0.10 19.28 -9.11
C LEU C 88 0.84 19.40 -10.44
N LEU C 89 1.06 18.28 -11.11
CA LEU C 89 1.66 18.26 -12.42
C LEU C 89 0.86 19.08 -13.42
N GLU C 90 -0.46 18.90 -13.43
CA GLU C 90 -1.39 19.63 -14.29
C GLU C 90 -1.28 21.15 -14.10
N PHE C 91 -1.10 21.60 -12.87
CA PHE C 91 -0.90 23.02 -12.63
C PHE C 91 0.28 23.56 -13.43
N PHE C 92 1.40 22.87 -13.37
CA PHE C 92 2.61 23.37 -13.98
C PHE C 92 2.65 23.17 -15.48
N VAL C 93 2.03 22.10 -15.94
CA VAL C 93 1.94 21.79 -17.36
C VAL C 93 1.11 22.89 -18.02
N ASN C 94 0.04 23.32 -17.35
CA ASN C 94 -0.77 24.45 -17.84
C ASN C 94 0.02 25.76 -17.91
N LYS C 95 0.82 26.01 -16.87
CA LYS C 95 1.67 27.20 -16.84
C LYS C 95 2.64 27.21 -18.02
N CYS C 96 3.20 26.05 -18.35
CA CYS C 96 4.13 25.91 -19.47
C CYS C 96 3.44 26.09 -20.79
N HIS C 97 2.27 25.48 -20.90
CA HIS C 97 1.49 25.53 -22.09
C HIS C 97 1.06 26.97 -22.38
N GLU C 98 0.71 27.73 -21.33
CA GLU C 98 0.28 29.11 -21.46
C GLU C 98 1.32 30.00 -22.13
N ILE C 99 2.59 29.82 -21.77
CA ILE C 99 3.66 30.63 -22.34
C ILE C 99 4.37 29.95 -23.53
N GLY C 100 3.97 28.72 -23.82
CA GLY C 100 4.49 27.97 -24.96
C GLY C 100 5.81 27.24 -24.77
N VAL C 101 6.19 27.00 -23.53
CA VAL C 101 7.37 26.18 -23.25
C VAL C 101 7.04 24.70 -23.26
N GLY C 102 7.84 23.91 -23.98
CA GLY C 102 7.66 22.47 -24.05
C GLY C 102 7.91 21.93 -22.66
N CYS C 103 7.15 20.91 -22.27
CA CYS C 103 7.40 20.25 -20.98
C CYS C 103 7.06 18.78 -20.98
N GLU C 104 7.60 18.10 -19.99
CA GLU C 104 7.24 16.73 -19.68
C GLU C 104 7.06 16.67 -18.19
N ALA C 105 6.04 15.96 -17.74
CA ALA C 105 5.81 15.89 -16.31
C ALA C 105 5.47 14.45 -15.95
N TRP C 106 5.95 14.02 -14.79
CA TRP C 106 5.66 12.67 -14.34
C TRP C 106 5.86 12.55 -12.84
N ILE C 107 5.44 11.42 -12.31
CA ILE C 107 5.55 11.12 -10.91
C ILE C 107 6.45 9.89 -10.73
N LYS C 108 7.27 9.92 -9.70
CA LYS C 108 7.94 8.72 -9.25
C LYS C 108 7.61 8.55 -7.80
N THR C 109 7.86 7.37 -7.27
CA THR C 109 7.55 7.03 -5.88
C THR C 109 8.83 6.80 -5.07
N GLY C 110 8.78 7.16 -3.80
CA GLY C 110 9.87 6.89 -2.88
C GLY C 110 10.25 8.10 -2.06
N ASP C 111 11.49 8.09 -1.57
CA ASP C 111 11.99 9.19 -0.77
C ASP C 111 12.36 10.32 -1.74
N PRO C 112 11.69 11.48 -1.61
CA PRO C 112 11.83 12.56 -2.59
C PRO C 112 13.28 12.91 -2.92
N LYS C 113 14.12 13.13 -1.91
CA LYS C 113 15.50 13.57 -2.18
C LYS C 113 16.30 12.50 -2.93
N ASP C 114 16.04 11.26 -2.60
CA ASP C 114 16.70 10.15 -3.24
C ASP C 114 16.22 10.02 -4.67
N VAL C 115 14.93 10.14 -4.85
CA VAL C 115 14.34 9.87 -6.15
C VAL C 115 14.71 10.97 -7.12
N ILE C 116 14.70 12.21 -6.67
CA ILE C 116 15.10 13.32 -7.50
C ILE C 116 16.50 13.09 -8.05
N CYS C 117 17.41 12.69 -7.16
CA CYS C 117 18.77 12.34 -7.59
C CYS C 117 18.80 11.16 -8.56
N GLN C 118 18.02 10.12 -8.27
CA GLN C 118 17.94 8.97 -9.17
C GLN C 118 17.44 9.41 -10.55
N GLU C 119 16.46 10.31 -10.55
CA GLU C 119 15.87 10.82 -11.78
C GLU C 119 16.80 11.68 -12.60
N VAL C 120 17.59 12.54 -11.94
CA VAL C 120 18.69 13.28 -12.60
C VAL C 120 19.62 12.37 -13.36
N LYS C 121 20.03 11.30 -12.71
CA LYS C 121 20.93 10.34 -13.29
C LYS C 121 20.28 9.54 -14.44
N ARG C 122 18.95 9.39 -14.41
CA ARG C 122 18.25 8.64 -15.47
C ARG C 122 17.87 9.51 -16.67
N VAL C 123 17.35 10.70 -16.39
CA VAL C 123 16.85 11.62 -17.42
C VAL C 123 17.97 12.49 -17.97
N ARG C 124 18.99 12.71 -17.15
CA ARG C 124 20.08 13.65 -17.45
C ARG C 124 19.63 15.04 -17.94
N PRO C 125 18.92 15.78 -17.09
CA PRO C 125 18.57 17.14 -17.44
C PRO C 125 19.82 17.98 -17.42
N ASP C 126 19.79 19.14 -18.04
CA ASP C 126 20.99 19.98 -18.03
C ASP C 126 21.14 20.58 -16.64
N PHE C 127 20.01 20.93 -16.01
CA PHE C 127 20.03 21.27 -14.59
C PHE C 127 18.77 20.97 -13.83
N LEU C 128 18.89 20.97 -12.51
CA LEU C 128 17.76 20.75 -11.62
C LEU C 128 17.43 22.04 -10.90
N VAL C 129 16.16 22.41 -10.95
CA VAL C 129 15.63 23.49 -10.13
C VAL C 129 14.88 22.94 -8.94
N VAL C 130 15.28 23.38 -7.76
CA VAL C 130 14.52 23.06 -6.54
C VAL C 130 14.26 24.36 -5.84
N GLY C 131 13.07 24.49 -5.26
CA GLY C 131 12.79 25.55 -4.30
C GLY C 131 13.55 25.19 -3.04
N SER C 132 13.51 26.05 -2.03
CA SER C 132 14.18 25.77 -0.78
C SER C 132 13.51 26.62 0.26
N ARG C 133 13.25 26.05 1.42
CA ARG C 133 12.65 26.80 2.52
C ARG C 133 13.76 27.52 3.31
N GLY C 134 15.01 27.18 3.01
CA GLY C 134 16.17 27.80 3.62
C GLY C 134 16.40 27.40 5.07
N LEU C 135 16.09 26.16 5.43
CA LEU C 135 16.17 25.72 6.81
C LEU C 135 17.58 25.41 7.34
N GLY C 136 18.53 26.33 7.21
CA GLY C 136 19.81 26.20 7.93
C GLY C 136 20.78 27.32 7.65
N THR C 145 16.40 19.60 4.11
CA THR C 145 16.24 18.20 3.73
C THR C 145 16.42 18.06 2.21
N VAL C 146 15.36 18.27 1.42
CA VAL C 146 15.44 17.98 -0.04
C VAL C 146 16.41 18.83 -0.85
N SER C 147 16.28 20.15 -0.76
CA SER C 147 17.10 21.07 -1.54
C SER C 147 18.60 20.93 -1.22
N ALA C 148 18.94 20.79 0.05
CA ALA C 148 20.32 20.61 0.48
C ALA C 148 20.93 19.30 -0.01
N PHE C 149 20.13 18.24 -0.05
CA PHE C 149 20.61 16.94 -0.45
C PHE C 149 20.84 16.96 -1.95
N CYS C 150 19.93 17.59 -2.69
CA CYS C 150 20.10 17.69 -4.14
C CYS C 150 21.34 18.47 -4.57
N VAL C 151 21.58 19.58 -3.90
CA VAL C 151 22.76 20.40 -4.14
C VAL C 151 24.03 19.56 -3.94
N LYS C 152 23.99 18.76 -2.87
CA LYS C 152 25.12 17.96 -2.47
C LYS C 152 25.31 16.76 -3.41
N HIS C 153 24.22 16.14 -3.86
CA HIS C 153 24.34 14.82 -4.50
C HIS C 153 23.94 14.73 -5.95
N ALA C 154 23.09 15.63 -6.43
CA ALA C 154 22.62 15.57 -7.82
C ALA C 154 23.81 15.58 -8.79
N GLU C 155 23.72 14.81 -9.87
CA GLU C 155 24.81 14.72 -10.84
C GLU C 155 24.53 15.62 -12.04
N CYS C 156 24.08 16.83 -11.74
CA CYS C 156 23.86 17.89 -12.70
C CYS C 156 23.88 19.19 -11.88
N PRO C 157 24.15 20.33 -12.52
CA PRO C 157 23.98 21.61 -11.82
C PRO C 157 22.61 21.73 -11.17
N VAL C 158 22.58 22.41 -10.03
CA VAL C 158 21.39 22.59 -9.26
C VAL C 158 21.19 24.08 -8.99
N MSE C 159 20.00 24.59 -9.33
CA MSE C 159 19.61 25.95 -9.04
C MSE C 159 18.71 25.90 -7.83
O MSE C 159 17.67 25.26 -7.88
CB MSE C 159 18.83 26.51 -10.23
CG MSE C 159 18.23 27.90 -9.99
SE MSE C 159 19.61 29.25 -10.11
CE MSE C 159 19.42 29.50 -12.05
N THR C 160 19.10 26.51 -6.73
CA THR C 160 18.25 26.53 -5.56
C THR C 160 17.66 27.92 -5.44
N ILE C 161 16.33 27.99 -5.40
CA ILE C 161 15.63 29.25 -5.28
C ILE C 161 14.83 29.28 -4.00
N LYS C 162 15.07 30.27 -3.17
CA LYS C 162 14.36 30.50 -1.92
C LYS C 162 13.16 31.40 -2.20
N ARG C 163 12.21 31.42 -1.27
CA ARG C 163 11.00 32.20 -1.44
C ARG C 163 11.28 33.68 -1.23
N ASN C 164 10.44 34.55 -1.78
CA ASN C 164 10.49 35.95 -1.43
C ASN C 164 10.11 36.10 0.02
N ALA C 165 10.63 37.15 0.65
CA ALA C 165 10.32 37.44 2.07
C ALA C 165 8.82 37.56 2.29
N ASP C 166 8.13 38.13 1.31
CA ASP C 166 6.70 38.48 1.44
C ASP C 166 5.78 37.26 1.31
N GLU C 167 6.33 36.13 0.87
CA GLU C 167 5.54 34.92 0.74
C GLU C 167 6.07 33.80 1.65
N THR C 168 7.00 34.13 2.52
CA THR C 168 7.56 33.15 3.44
C THR C 168 6.70 33.15 4.67
N PRO C 169 6.12 31.98 5.01
CA PRO C 169 5.26 31.85 6.20
C PRO C 169 6.03 32.15 7.48
N SER C 170 5.35 32.56 8.53
CA SER C 170 6.05 32.92 9.77
C SER C 170 6.88 31.76 10.29
N ASP C 171 6.39 30.53 10.14
CA ASP C 171 7.23 29.34 10.34
C ASP C 171 7.78 28.89 9.00
N PRO C 172 9.09 29.06 8.80
CA PRO C 172 9.67 28.73 7.47
C PRO C 172 9.59 27.24 7.08
N ALA C 173 9.37 26.37 8.05
CA ALA C 173 9.15 24.94 7.77
C ALA C 173 7.87 24.69 6.95
N ASP C 174 6.87 25.55 7.14
CA ASP C 174 5.64 25.50 6.37
C ASP C 174 5.92 25.93 4.96
N ASP C 175 5.32 25.22 4.03
CA ASP C 175 5.54 25.47 2.62
C ASP C 175 4.31 24.96 1.87
N PRO D 5 17.01 42.15 -18.58
CA PRO D 5 18.23 41.37 -18.78
C PRO D 5 18.64 40.71 -17.47
N THR D 6 18.74 39.40 -17.47
CA THR D 6 18.99 38.65 -16.25
C THR D 6 20.47 38.85 -15.82
N LYS D 7 20.69 39.36 -14.62
CA LYS D 7 22.04 39.60 -14.14
C LYS D 7 22.53 38.37 -13.41
N VAL D 8 23.52 37.72 -14.00
CA VAL D 8 24.11 36.51 -13.48
C VAL D 8 25.49 36.80 -12.85
N MSE D 9 25.61 36.61 -11.54
CA MSE D 9 26.88 36.85 -10.90
C MSE D 9 27.61 35.54 -10.97
O MSE D 9 27.03 34.48 -10.73
CB MSE D 9 26.68 37.25 -9.45
CG MSE D 9 27.97 37.70 -8.82
SE MSE D 9 27.65 38.54 -7.13
CE MSE D 9 28.24 37.24 -6.07
N VAL D 10 28.88 35.60 -11.34
CA VAL D 10 29.66 34.36 -11.41
C VAL D 10 30.93 34.56 -10.57
N ALA D 11 31.10 33.72 -9.56
CA ALA D 11 32.24 33.84 -8.67
C ALA D 11 33.38 33.05 -9.28
N VAL D 12 34.48 33.76 -9.54
CA VAL D 12 35.63 33.15 -10.20
C VAL D 12 36.88 33.24 -9.33
N ASN D 13 37.71 32.21 -9.44
CA ASN D 13 38.95 32.17 -8.69
C ASN D 13 40.02 31.47 -9.47
N ALA D 14 41.22 31.48 -8.91
CA ALA D 14 42.41 30.96 -9.59
C ALA D 14 42.61 29.49 -9.30
N SER D 15 43.25 28.80 -10.25
CA SER D 15 43.57 27.41 -10.09
C SER D 15 44.75 27.28 -9.15
N THR D 16 44.76 26.21 -8.37
CA THR D 16 45.86 25.89 -7.46
C THR D 16 46.79 24.85 -8.08
N ILE D 17 46.29 24.11 -9.07
CA ILE D 17 47.10 23.10 -9.74
C ILE D 17 47.53 23.52 -11.14
N LYS D 18 46.62 24.14 -11.88
CA LYS D 18 47.01 24.69 -13.17
C LYS D 18 47.84 25.93 -12.96
N ASP D 19 48.84 26.12 -13.81
CA ASP D 19 49.69 27.30 -13.74
C ASP D 19 48.86 28.58 -13.88
N TYR D 20 49.35 29.65 -13.24
CA TYR D 20 48.72 30.96 -13.34
C TYR D 20 48.91 31.43 -14.77
N PRO D 21 47.94 32.16 -15.34
CA PRO D 21 46.77 32.86 -14.84
C PRO D 21 45.45 32.06 -14.88
N ASN D 22 45.55 30.74 -14.97
CA ASN D 22 44.35 29.91 -15.16
C ASN D 22 43.31 30.06 -14.07
N PRO D 23 42.03 30.16 -14.47
CA PRO D 23 40.95 30.05 -13.51
C PRO D 23 40.90 28.62 -12.96
N SER D 24 40.29 28.46 -11.80
CA SER D 24 40.03 27.12 -11.31
C SER D 24 39.18 26.35 -12.32
N ILE D 25 39.35 25.04 -12.35
CA ILE D 25 38.59 24.21 -13.25
C ILE D 25 37.11 24.39 -12.96
N SER D 26 36.75 24.49 -11.70
CA SER D 26 35.36 24.48 -11.31
C SER D 26 34.66 25.76 -11.71
N CYS D 27 35.33 26.90 -11.54
CA CYS D 27 34.66 28.17 -11.86
C CYS D 27 34.61 28.33 -13.36
N LYS D 28 35.56 27.73 -14.05
CA LYS D 28 35.62 27.79 -15.50
C LYS D 28 34.50 26.94 -16.09
N ARG D 29 34.36 25.72 -15.60
CA ARG D 29 33.26 24.89 -16.00
C ARG D 29 31.92 25.63 -15.69
N ALA D 30 31.78 26.17 -14.47
CA ALA D 30 30.60 26.92 -14.09
C ALA D 30 30.23 28.03 -15.10
N PHE D 31 31.21 28.84 -15.42
CA PHE D 31 31.09 29.92 -16.34
C PHE D 31 30.75 29.41 -17.71
N GLU D 32 31.51 28.44 -18.24
CA GLU D 32 31.21 27.92 -19.59
C GLU D 32 29.86 27.23 -19.70
N TRP D 33 29.48 26.48 -18.68
CA TRP D 33 28.24 25.80 -18.67
C TRP D 33 27.09 26.80 -18.71
N THR D 34 27.20 27.86 -17.90
CA THR D 34 26.23 28.93 -17.88
C THR D 34 26.06 29.59 -19.25
N LEU D 35 27.16 29.87 -19.96
CA LEU D 35 27.04 30.42 -21.33
C LEU D 35 26.43 29.45 -22.30
N GLU D 36 26.87 28.21 -22.22
CA GLU D 36 26.37 27.15 -23.06
C GLU D 36 24.87 26.95 -22.82
N LYS D 37 24.49 26.72 -21.57
CA LYS D 37 23.18 26.17 -21.25
C LYS D 37 22.14 27.19 -20.89
N ILE D 38 22.57 28.32 -20.33
CA ILE D 38 21.63 29.35 -19.89
C ILE D 38 21.56 30.51 -20.87
N VAL D 39 22.70 31.10 -21.19
CA VAL D 39 22.70 32.25 -22.04
C VAL D 39 22.44 31.83 -23.48
N ARG D 40 23.01 30.69 -23.87
CA ARG D 40 22.87 30.16 -25.21
C ARG D 40 23.18 31.27 -26.22
N SER D 41 22.41 31.34 -27.32
CA SER D 41 22.57 32.42 -28.29
C SER D 41 21.91 33.75 -27.87
N ASN D 42 21.20 33.74 -26.75
CA ASN D 42 20.42 34.90 -26.34
C ASN D 42 21.23 35.83 -25.48
N THR D 43 22.22 36.46 -26.12
CA THR D 43 23.29 37.15 -25.40
C THR D 43 22.86 38.53 -24.90
N SER D 44 21.75 39.04 -25.45
CA SER D 44 21.14 40.27 -24.95
C SER D 44 20.25 40.07 -23.73
N ASP D 45 19.90 38.81 -23.44
CA ASP D 45 18.99 38.48 -22.33
C ASP D 45 19.65 38.39 -20.97
N PHE D 46 20.98 38.39 -20.97
CA PHE D 46 21.77 38.14 -19.78
C PHE D 46 22.92 39.09 -19.69
N LYS D 47 23.33 39.40 -18.46
CA LYS D 47 24.50 40.17 -18.20
C LYS D 47 25.31 39.44 -17.13
N ILE D 48 26.59 39.21 -17.42
CA ILE D 48 27.46 38.48 -16.49
C ILE D 48 28.18 39.44 -15.54
N LEU D 49 28.04 39.21 -14.25
CA LEU D 49 28.75 39.99 -13.28
C LEU D 49 29.80 39.09 -12.69
N LEU D 50 31.08 39.36 -12.98
CA LEU D 50 32.17 38.48 -12.56
C LEU D 50 32.84 39.04 -11.34
N LEU D 51 32.87 38.25 -10.29
CA LEU D 51 33.42 38.65 -9.04
C LEU D 51 34.58 37.73 -8.64
N HIS D 52 35.75 38.33 -8.43
CA HIS D 52 36.82 37.57 -7.81
C HIS D 52 37.04 38.12 -6.43
N VAL D 53 37.18 37.24 -5.44
CA VAL D 53 37.50 37.69 -4.09
C VAL D 53 38.92 37.35 -3.78
N GLN D 54 39.66 38.38 -3.42
CA GLN D 54 41.09 38.34 -3.21
C GLN D 54 41.34 38.21 -1.70
N VAL D 55 42.23 37.29 -1.31
CA VAL D 55 42.58 37.11 0.10
C VAL D 55 43.85 37.88 0.43
N SER D 66 54.91 51.68 -0.47
CA SER D 66 55.59 50.78 -1.40
C SER D 66 56.89 51.31 -2.02
N ILE D 67 58.00 50.83 -1.48
CA ILE D 67 59.34 51.31 -1.81
C ILE D 67 60.10 50.24 -2.58
N TYR D 68 60.78 50.64 -3.65
CA TYR D 68 61.47 49.73 -4.53
C TYR D 68 62.95 50.03 -4.55
N ALA D 69 63.77 49.02 -4.29
CA ALA D 69 65.20 49.23 -4.16
C ALA D 69 66.05 48.46 -5.14
N SER D 70 65.45 47.52 -5.85
CA SER D 70 66.17 46.63 -6.78
C SER D 70 65.22 46.12 -7.84
N PRO D 71 65.75 45.70 -9.00
CA PRO D 71 64.91 45.11 -10.04
C PRO D 71 64.07 43.95 -9.51
N GLU D 72 64.64 43.16 -8.59
CA GLU D 72 63.92 42.05 -7.96
C GLU D 72 62.60 42.44 -7.31
N ASP D 73 62.57 43.64 -6.69
CA ASP D 73 61.36 44.16 -6.04
C ASP D 73 60.20 44.37 -7.02
N PHE D 74 60.52 44.64 -8.29
CA PHE D 74 59.49 44.81 -9.31
C PHE D 74 58.94 43.48 -9.82
N ARG D 75 59.79 42.45 -9.80
CA ARG D 75 59.38 41.09 -10.11
C ARG D 75 58.42 40.57 -9.04
N ASP D 76 58.75 40.83 -7.78
CA ASP D 76 57.90 40.41 -6.66
C ASP D 76 56.52 41.04 -6.70
N MSE D 77 56.45 42.31 -7.05
CA MSE D 77 55.20 43.04 -7.10
CA MSE D 77 55.17 43.00 -7.08
C MSE D 77 54.28 42.45 -8.17
O MSE D 77 53.09 42.22 -7.94
CB MSE D 77 55.51 44.53 -7.34
CB MSE D 77 55.35 44.52 -7.17
CG MSE D 77 54.32 45.44 -7.51
CG MSE D 77 54.23 45.29 -6.49
SE MSE D 77 54.07 45.97 -9.36
SE MSE D 77 53.89 44.79 -4.61
CE MSE D 77 55.85 46.63 -9.78
CE MSE D 77 55.48 45.55 -3.76
N ARG D 78 54.82 42.18 -9.36
CA ARG D 78 53.98 41.64 -10.43
C ARG D 78 53.34 40.29 -10.04
N GLN D 79 54.05 39.53 -9.19
CA GLN D 79 53.49 38.40 -8.42
C GLN D 79 52.64 38.86 -7.22
N SER D 80 51.34 39.04 -7.44
CA SER D 80 50.45 39.57 -6.41
C SER D 80 49.02 39.40 -6.89
N ASN D 81 48.14 38.95 -5.97
CA ASN D 81 46.76 38.53 -6.28
C ASN D 81 45.78 39.59 -6.72
N LYS D 82 46.12 40.86 -6.51
CA LYS D 82 45.38 41.96 -7.12
C LYS D 82 45.51 41.77 -8.61
N ALA D 83 46.76 41.70 -9.08
CA ALA D 83 47.07 41.36 -10.47
C ALA D 83 46.65 39.93 -10.78
N LYS D 84 46.92 39.00 -9.85
CA LYS D 84 46.51 37.62 -10.01
C LYS D 84 44.99 37.63 -10.15
N GLY D 85 44.36 38.48 -9.36
CA GLY D 85 42.96 38.73 -9.53
C GLY D 85 42.62 39.25 -10.91
N LEU D 86 43.34 40.26 -11.39
CA LEU D 86 42.97 40.96 -12.60
C LEU D 86 43.05 40.08 -13.85
N HIS D 87 44.13 39.31 -13.97
CA HIS D 87 44.33 38.41 -15.11
C HIS D 87 43.16 37.41 -15.20
N LEU D 88 42.62 37.09 -14.06
CA LEU D 88 41.53 36.16 -13.92
C LEU D 88 40.28 36.81 -14.50
N LEU D 89 40.01 38.04 -14.06
CA LEU D 89 38.87 38.79 -14.55
C LEU D 89 38.95 38.99 -16.06
N GLU D 90 40.15 39.32 -16.55
CA GLU D 90 40.38 39.51 -17.96
C GLU D 90 40.09 38.27 -18.79
N PHE D 91 40.41 37.10 -18.25
CA PHE D 91 40.11 35.83 -18.91
C PHE D 91 38.62 35.73 -19.24
N PHE D 92 37.79 35.99 -18.22
CA PHE D 92 36.35 35.90 -18.37
C PHE D 92 35.71 37.01 -19.17
N VAL D 93 36.27 38.20 -19.06
CA VAL D 93 35.78 39.34 -19.81
C VAL D 93 35.99 39.08 -21.32
N ASN D 94 37.12 38.48 -21.65
CA ASN D 94 37.41 38.14 -23.05
C ASN D 94 36.45 37.09 -23.59
N LYS D 95 36.14 36.11 -22.74
CA LYS D 95 35.16 35.07 -23.03
C LYS D 95 33.75 35.65 -23.29
N CYS D 96 33.34 36.62 -22.47
CA CYS D 96 32.08 37.34 -22.68
C CYS D 96 32.09 38.18 -23.94
N HIS D 97 33.18 38.88 -24.17
CA HIS D 97 33.34 39.76 -25.31
C HIS D 97 33.23 38.95 -26.60
N GLU D 98 33.84 37.75 -26.59
CA GLU D 98 33.90 36.89 -27.78
C GLU D 98 32.54 36.53 -28.28
N ILE D 99 31.64 36.18 -27.37
CA ILE D 99 30.28 35.77 -27.73
C ILE D 99 29.27 36.93 -27.64
N GLY D 100 29.74 38.10 -27.24
CA GLY D 100 28.92 39.31 -27.23
C GLY D 100 27.99 39.49 -26.04
N VAL D 101 28.26 38.81 -24.93
CA VAL D 101 27.50 39.06 -23.71
C VAL D 101 28.10 40.21 -22.93
N GLY D 102 27.25 41.15 -22.54
CA GLY D 102 27.65 42.22 -21.65
C GLY D 102 28.13 41.65 -20.34
N CYS D 103 29.17 42.25 -19.78
CA CYS D 103 29.66 41.84 -18.47
C CYS D 103 30.26 42.99 -17.71
N GLU D 104 30.34 42.80 -16.40
CA GLU D 104 31.10 43.67 -15.55
C GLU D 104 31.91 42.75 -14.65
N ALA D 105 33.13 43.17 -14.35
CA ALA D 105 33.99 42.33 -13.55
C ALA D 105 34.70 43.20 -12.56
N TRP D 106 34.85 42.66 -11.36
CA TRP D 106 35.52 43.42 -10.31
C TRP D 106 36.03 42.50 -9.22
N ILE D 107 36.87 43.08 -8.35
CA ILE D 107 37.51 42.40 -7.26
C ILE D 107 37.04 42.99 -5.96
N LYS D 108 36.78 42.12 -5.00
CA LYS D 108 36.62 42.56 -3.63
C LYS D 108 37.63 41.80 -2.78
N THR D 109 37.84 42.29 -1.58
CA THR D 109 38.82 41.76 -0.66
C THR D 109 38.14 41.14 0.56
N GLY D 110 38.71 40.05 1.06
CA GLY D 110 38.27 39.48 2.34
C GLY D 110 38.09 37.99 2.22
N ASP D 111 37.30 37.44 3.13
CA ASP D 111 36.96 36.03 3.07
C ASP D 111 35.97 35.80 1.91
N PRO D 112 36.38 34.99 0.92
CA PRO D 112 35.62 34.77 -0.30
C PRO D 112 34.14 34.46 -0.07
N LYS D 113 33.82 33.52 0.81
CA LYS D 113 32.43 33.09 0.95
C LYS D 113 31.56 34.18 1.59
N ASP D 114 32.11 34.88 2.58
CA ASP D 114 31.44 36.05 3.17
C ASP D 114 31.24 37.13 2.11
N VAL D 115 32.31 37.43 1.37
CA VAL D 115 32.30 38.57 0.46
C VAL D 115 31.31 38.35 -0.66
N ILE D 116 31.32 37.13 -1.21
CA ILE D 116 30.39 36.79 -2.26
C ILE D 116 28.95 37.07 -1.80
N CYS D 117 28.62 36.62 -0.60
CA CYS D 117 27.32 36.94 -0.02
C CYS D 117 27.06 38.43 0.19
N GLN D 118 28.06 39.14 0.69
CA GLN D 118 27.92 40.56 0.86
C GLN D 118 27.69 41.21 -0.52
N GLU D 119 28.36 40.69 -1.54
CA GLU D 119 28.24 41.25 -2.86
C GLU D 119 26.91 40.98 -3.50
N VAL D 120 26.36 39.79 -3.23
CA VAL D 120 25.00 39.48 -3.66
C VAL D 120 24.00 40.47 -3.10
N LYS D 121 24.09 40.82 -1.82
CA LYS D 121 23.14 41.77 -1.29
C LYS D 121 23.41 43.23 -1.66
N ARG D 122 24.60 43.53 -2.14
CA ARG D 122 24.92 44.89 -2.58
C ARG D 122 24.52 45.13 -4.06
N VAL D 123 24.87 44.18 -4.91
CA VAL D 123 24.69 44.31 -6.35
C VAL D 123 23.32 43.79 -6.78
N ARG D 124 22.78 42.89 -5.98
CA ARG D 124 21.50 42.21 -6.26
C ARG D 124 21.38 41.62 -7.66
N PRO D 125 22.24 40.65 -7.98
CA PRO D 125 22.12 39.94 -9.23
C PRO D 125 20.89 39.06 -9.16
N ASP D 126 20.42 38.58 -10.30
CA ASP D 126 19.23 37.76 -10.33
C ASP D 126 19.56 36.39 -9.78
N PHE D 127 20.75 35.87 -10.14
CA PHE D 127 21.29 34.67 -9.48
C PHE D 127 22.82 34.62 -9.44
N LEU D 128 23.33 33.69 -8.63
CA LEU D 128 24.76 33.52 -8.40
C LEU D 128 25.15 32.17 -8.93
N VAL D 129 26.22 32.16 -9.72
CA VAL D 129 26.80 30.94 -10.17
C VAL D 129 28.10 30.71 -9.44
N VAL D 130 28.21 29.53 -8.86
CA VAL D 130 29.49 29.10 -8.25
C VAL D 130 29.76 27.72 -8.77
N GLY D 131 31.03 27.44 -9.01
CA GLY D 131 31.50 26.11 -9.29
C GLY D 131 31.52 25.38 -7.96
N SER D 132 31.84 24.10 -7.96
CA SER D 132 31.91 23.37 -6.73
C SER D 132 32.82 22.20 -6.95
N ARG D 133 33.68 21.94 -5.98
CA ARG D 133 34.52 20.75 -6.05
C ARG D 133 33.74 19.53 -5.54
N GLY D 134 32.61 19.80 -4.88
CA GLY D 134 31.71 18.77 -4.38
C GLY D 134 32.28 18.01 -3.22
N LEU D 135 32.92 18.74 -2.32
CA LEU D 135 33.61 18.13 -1.19
C LEU D 135 32.70 17.74 0.00
N GLY D 136 31.60 17.03 -0.25
CA GLY D 136 30.87 16.38 0.86
C GLY D 136 29.73 15.52 0.37
N THR D 145 33.52 24.41 1.26
CA THR D 145 33.60 25.73 1.91
C THR D 145 32.71 26.72 1.16
N VAL D 146 33.22 27.27 0.07
CA VAL D 146 32.56 28.42 -0.56
C VAL D 146 31.21 28.13 -1.23
N SER D 147 31.14 27.10 -2.06
CA SER D 147 29.92 26.79 -2.78
C SER D 147 28.78 26.45 -1.81
N ALA D 148 29.09 25.69 -0.77
CA ALA D 148 28.12 25.29 0.24
C ALA D 148 27.61 26.48 1.05
N PHE D 149 28.52 27.40 1.32
CA PHE D 149 28.19 28.57 2.12
C PHE D 149 27.26 29.48 1.34
N CYS D 150 27.54 29.67 0.05
CA CYS D 150 26.68 30.49 -0.81
C CYS D 150 25.27 30.01 -0.98
N VAL D 151 25.13 28.71 -1.25
CA VAL D 151 23.83 28.06 -1.31
C VAL D 151 23.03 28.29 -0.03
N LYS D 152 23.72 28.19 1.09
CA LYS D 152 23.05 28.32 2.37
C LYS D 152 22.63 29.77 2.59
N HIS D 153 23.52 30.71 2.26
CA HIS D 153 23.37 32.07 2.76
C HIS D 153 23.06 33.17 1.74
N ALA D 154 23.47 32.99 0.49
CA ALA D 154 23.27 34.05 -0.50
C ALA D 154 21.80 34.44 -0.57
N GLU D 155 21.53 35.73 -0.71
CA GLU D 155 20.16 36.20 -0.75
C GLU D 155 19.67 36.35 -2.20
N CYS D 156 20.04 35.40 -3.04
CA CYS D 156 19.51 35.28 -4.37
C CYS D 156 19.64 33.80 -4.75
N PRO D 157 18.90 33.35 -5.78
CA PRO D 157 19.10 31.98 -6.28
C PRO D 157 20.56 31.63 -6.59
N VAL D 158 20.95 30.41 -6.31
CA VAL D 158 22.33 30.00 -6.54
C VAL D 158 22.36 28.76 -7.42
N MSE D 159 23.15 28.84 -8.48
CA MSE D 159 23.37 27.73 -9.34
C MSE D 159 24.73 27.14 -8.95
O MSE D 159 25.74 27.83 -8.96
CB MSE D 159 23.39 28.23 -10.77
CG MSE D 159 23.80 27.23 -11.80
SE MSE D 159 22.33 26.07 -12.18
CE MSE D 159 21.41 27.22 -13.36
N THR D 160 24.75 25.86 -8.57
CA THR D 160 25.97 25.17 -8.21
C THR D 160 26.33 24.25 -9.36
N ILE D 161 27.52 24.41 -9.90
CA ILE D 161 27.95 23.61 -11.03
C ILE D 161 29.21 22.86 -10.64
N LYS D 162 29.13 21.54 -10.63
CA LYS D 162 30.28 20.67 -10.37
C LYS D 162 31.01 20.39 -11.69
N ARG D 163 32.28 19.95 -11.60
CA ARG D 163 33.11 19.72 -12.77
C ARG D 163 32.66 18.43 -13.45
N ASN D 164 32.98 18.30 -14.75
CA ASN D 164 32.84 17.02 -15.45
C ASN D 164 33.80 16.03 -14.82
N ALA D 165 33.45 14.75 -14.89
CA ALA D 165 34.27 13.67 -14.34
C ALA D 165 35.65 13.69 -14.96
N ASP D 166 35.72 14.01 -16.25
CA ASP D 166 36.96 13.92 -17.00
C ASP D 166 37.87 15.13 -16.86
N GLU D 167 37.45 16.10 -16.05
CA GLU D 167 38.28 17.25 -15.71
C GLU D 167 38.43 17.38 -14.20
N THR D 168 37.92 16.41 -13.45
CA THR D 168 38.07 16.41 -12.01
C THR D 168 39.41 15.76 -11.62
N PRO D 169 40.33 16.51 -10.99
CA PRO D 169 41.63 15.96 -10.58
C PRO D 169 41.47 14.80 -9.62
N SER D 170 42.45 13.91 -9.53
CA SER D 170 42.31 12.71 -8.71
C SER D 170 42.01 13.08 -7.26
N ASP D 171 42.64 14.15 -6.77
CA ASP D 171 42.27 14.75 -5.50
C ASP D 171 41.24 15.84 -5.79
N PRO D 172 39.99 15.62 -5.37
CA PRO D 172 38.94 16.59 -5.64
C PRO D 172 39.18 17.98 -5.02
N ALA D 173 39.98 18.06 -3.97
CA ALA D 173 40.26 19.34 -3.32
C ALA D 173 41.06 20.28 -4.24
N ASP D 174 41.84 19.69 -5.14
CA ASP D 174 42.57 20.45 -6.17
C ASP D 174 41.65 21.01 -7.26
N ASP D 175 42.02 22.15 -7.85
CA ASP D 175 41.11 22.91 -8.71
C ASP D 175 41.88 24.03 -9.41
N PRO E 5 -24.84 -14.43 5.87
CA PRO E 5 -25.18 -13.47 4.82
C PRO E 5 -24.64 -13.96 3.48
N THR E 6 -25.52 -14.16 2.51
CA THR E 6 -25.12 -14.76 1.24
C THR E 6 -24.30 -13.76 0.43
N LYS E 7 -23.09 -14.17 0.05
CA LYS E 7 -22.20 -13.31 -0.74
C LYS E 7 -22.50 -13.49 -2.21
N VAL E 8 -22.97 -12.42 -2.83
CA VAL E 8 -23.32 -12.46 -4.24
C VAL E 8 -22.27 -11.67 -5.05
N MSE E 9 -21.51 -12.37 -5.88
CA MSE E 9 -20.56 -11.68 -6.72
C MSE E 9 -21.25 -11.26 -7.99
O MSE E 9 -21.87 -12.09 -8.65
CB MSE E 9 -19.39 -12.58 -7.09
CG MSE E 9 -18.34 -11.81 -7.86
SE MSE E 9 -16.63 -12.71 -7.82
CE MSE E 9 -16.61 -13.13 -9.62
N VAL E 10 -21.17 -9.98 -8.34
CA VAL E 10 -21.79 -9.50 -9.56
C VAL E 10 -20.72 -8.93 -10.49
N ALA E 11 -20.60 -9.52 -11.67
CA ALA E 11 -19.60 -9.07 -12.61
C ALA E 11 -20.20 -7.89 -13.39
N VAL E 12 -19.55 -6.74 -13.34
CA VAL E 12 -20.09 -5.57 -14.00
C VAL E 12 -19.11 -5.01 -15.00
N ASN E 13 -19.63 -4.50 -16.11
CA ASN E 13 -18.82 -3.93 -17.16
C ASN E 13 -19.48 -2.68 -17.74
N ALA E 14 -18.74 -2.00 -18.59
CA ALA E 14 -19.21 -0.75 -19.18
C ALA E 14 -19.99 -1.00 -20.49
N SER E 15 -20.89 -0.08 -20.80
CA SER E 15 -21.63 -0.14 -22.03
C SER E 15 -20.76 0.30 -23.21
N THR E 16 -20.94 -0.35 -24.35
CA THR E 16 -20.20 -0.02 -25.55
C THR E 16 -21.03 0.90 -26.44
N ILE E 17 -22.35 0.94 -26.20
CA ILE E 17 -23.25 1.75 -27.00
C ILE E 17 -23.78 2.94 -26.23
N LYS E 18 -24.15 2.73 -24.99
CA LYS E 18 -24.53 3.84 -24.13
C LYS E 18 -23.27 4.61 -23.73
N ASP E 19 -23.42 5.93 -23.68
CA ASP E 19 -22.32 6.82 -23.32
C ASP E 19 -21.75 6.44 -21.94
N TYR E 20 -20.45 6.70 -21.78
CA TYR E 20 -19.72 6.49 -20.53
C TYR E 20 -20.24 7.52 -19.51
N PRO E 21 -20.33 7.14 -18.22
CA PRO E 21 -19.85 5.93 -17.53
C PRO E 21 -20.90 4.83 -17.33
N ASN E 22 -21.88 4.74 -18.22
CA ASN E 22 -22.94 3.76 -18.07
C ASN E 22 -22.49 2.30 -18.00
N PRO E 23 -23.10 1.51 -17.11
CA PRO E 23 -22.90 0.07 -17.09
C PRO E 23 -23.51 -0.56 -18.34
N SER E 24 -23.02 -1.72 -18.76
CA SER E 24 -23.68 -2.41 -19.86
C SER E 24 -25.12 -2.73 -19.46
N ILE E 25 -26.00 -2.76 -20.45
CA ILE E 25 -27.40 -3.08 -20.29
C ILE E 25 -27.52 -4.42 -19.57
N SER E 26 -26.75 -5.41 -19.99
CA SER E 26 -26.87 -6.76 -19.41
C SER E 26 -26.45 -6.86 -17.95
N CYS E 27 -25.35 -6.25 -17.58
CA CYS E 27 -24.93 -6.34 -16.17
C CYS E 27 -25.81 -5.47 -15.28
N LYS E 28 -26.27 -4.35 -15.81
CA LYS E 28 -27.23 -3.51 -15.08
C LYS E 28 -28.54 -4.29 -14.83
N ARG E 29 -29.10 -4.88 -15.87
CA ARG E 29 -30.25 -5.72 -15.74
C ARG E 29 -29.99 -6.83 -14.72
N ALA E 30 -28.83 -7.46 -14.82
CA ALA E 30 -28.47 -8.55 -13.93
C ALA E 30 -28.45 -8.09 -12.45
N PHE E 31 -27.81 -6.96 -12.21
CA PHE E 31 -27.73 -6.42 -10.87
C PHE E 31 -29.14 -6.05 -10.34
N GLU E 32 -29.87 -5.24 -11.12
CA GLU E 32 -31.21 -4.83 -10.72
C GLU E 32 -32.18 -6.00 -10.49
N TRP E 33 -32.10 -7.01 -11.35
CA TRP E 33 -32.93 -8.17 -11.23
C TRP E 33 -32.62 -8.90 -9.90
N THR E 34 -31.33 -9.06 -9.60
CA THR E 34 -30.84 -9.66 -8.40
C THR E 34 -31.34 -8.96 -7.15
N LEU E 35 -31.22 -7.63 -7.12
CA LEU E 35 -31.83 -6.83 -6.04
C LEU E 35 -33.32 -7.05 -5.91
N GLU E 36 -34.04 -7.05 -7.02
CA GLU E 36 -35.52 -7.14 -7.00
C GLU E 36 -35.94 -8.50 -6.53
N LYS E 37 -35.43 -9.52 -7.19
CA LYS E 37 -35.94 -10.88 -7.07
C LYS E 37 -35.26 -11.72 -5.99
N ILE E 38 -33.99 -11.44 -5.71
CA ILE E 38 -33.26 -12.24 -4.76
C ILE E 38 -33.09 -11.55 -3.42
N VAL E 39 -32.52 -10.35 -3.43
CA VAL E 39 -32.28 -9.63 -2.20
C VAL E 39 -33.59 -9.13 -1.62
N ARG E 40 -34.48 -8.68 -2.50
CA ARG E 40 -35.80 -8.16 -2.10
C ARG E 40 -35.64 -7.20 -0.92
N SER E 41 -36.53 -7.27 0.05
CA SER E 41 -36.42 -6.37 1.20
C SER E 41 -35.41 -6.87 2.23
N ASN E 42 -34.89 -8.07 2.01
CA ASN E 42 -34.02 -8.73 2.99
C ASN E 42 -32.57 -8.33 2.79
N THR E 43 -32.29 -7.06 3.09
CA THR E 43 -31.01 -6.46 2.71
C THR E 43 -29.86 -6.86 3.63
N SER E 44 -30.19 -7.39 4.80
CA SER E 44 -29.18 -7.93 5.71
C SER E 44 -28.75 -9.35 5.37
N ASP E 45 -29.54 -10.03 4.54
CA ASP E 45 -29.28 -11.46 4.25
C ASP E 45 -28.30 -11.68 3.12
N PHE E 46 -27.93 -10.58 2.46
CA PHE E 46 -27.09 -10.61 1.27
C PHE E 46 -26.00 -9.55 1.33
N LYS E 47 -24.90 -9.82 0.67
CA LYS E 47 -23.80 -8.89 0.57
C LYS E 47 -23.33 -8.98 -0.88
N ILE E 48 -23.27 -7.82 -1.53
CA ILE E 48 -22.97 -7.76 -2.96
C ILE E 48 -21.49 -7.49 -3.14
N LEU E 49 -20.85 -8.33 -3.93
CA LEU E 49 -19.44 -8.19 -4.22
C LEU E 49 -19.35 -7.80 -5.71
N LEU E 50 -18.99 -6.57 -5.96
CA LEU E 50 -18.99 -6.05 -7.34
C LEU E 50 -17.60 -6.10 -7.92
N LEU E 51 -17.46 -6.81 -9.00
CA LEU E 51 -16.20 -6.95 -9.63
C LEU E 51 -16.27 -6.41 -11.04
N HIS E 52 -15.36 -5.49 -11.34
CA HIS E 52 -15.12 -5.10 -12.70
C HIS E 52 -13.73 -5.52 -13.13
N VAL E 53 -13.65 -6.16 -14.28
CA VAL E 53 -12.36 -6.53 -14.83
C VAL E 53 -11.99 -5.57 -15.96
N GLN E 54 -10.83 -4.96 -15.76
CA GLN E 54 -10.30 -3.97 -16.66
C GLN E 54 -9.34 -4.63 -17.66
N VAL E 55 -9.47 -4.28 -18.93
CA VAL E 55 -8.53 -4.80 -19.94
C VAL E 55 -7.37 -3.81 -20.17
N SER E 66 4.36 6.88 -16.63
CA SER E 66 3.35 7.68 -17.33
C SER E 66 3.63 9.18 -17.27
N ILE E 67 3.59 9.83 -18.44
CA ILE E 67 4.26 11.09 -18.66
C ILE E 67 3.33 12.06 -19.34
N TYR E 68 3.28 13.28 -18.84
CA TYR E 68 2.31 14.27 -19.30
C TYR E 68 3.02 15.47 -19.87
N ALA E 69 2.62 15.85 -21.09
CA ALA E 69 3.30 16.89 -21.87
C ALA E 69 2.41 18.07 -22.30
N SER E 70 1.14 18.04 -21.92
CA SER E 70 0.15 19.01 -22.42
C SER E 70 -1.07 18.87 -21.55
N PRO E 71 -1.91 19.91 -21.50
CA PRO E 71 -3.18 19.79 -20.73
C PRO E 71 -4.09 18.66 -21.26
N GLU E 72 -4.08 18.43 -22.57
CA GLU E 72 -4.88 17.34 -23.18
C GLU E 72 -4.59 15.98 -22.55
N ASP E 73 -3.32 15.74 -22.20
CA ASP E 73 -2.93 14.45 -21.65
C ASP E 73 -3.66 14.19 -20.35
N PHE E 74 -3.93 15.22 -19.58
CA PHE E 74 -4.67 15.04 -18.33
C PHE E 74 -6.14 14.72 -18.57
N ARG E 75 -6.70 15.30 -19.63
CA ARG E 75 -8.07 14.99 -20.02
C ARG E 75 -8.14 13.54 -20.42
N ASP E 76 -7.24 13.13 -21.33
CA ASP E 76 -7.22 11.76 -21.85
C ASP E 76 -6.97 10.79 -20.72
N MSE E 77 -6.23 11.25 -19.72
CA MSE E 77 -5.99 10.43 -18.55
C MSE E 77 -7.27 10.20 -17.72
O MSE E 77 -7.41 9.14 -17.12
CB MSE E 77 -4.93 11.06 -17.65
CG MSE E 77 -4.76 10.27 -16.41
SE MSE E 77 -4.65 11.33 -14.83
CE MSE E 77 -5.95 12.77 -15.11
N ARG E 78 -8.16 11.18 -17.68
CA ARG E 78 -9.46 11.02 -17.03
C ARG E 78 -10.48 10.22 -17.87
N GLN E 79 -10.02 9.68 -19.01
CA GLN E 79 -10.80 8.74 -19.84
C GLN E 79 -10.16 7.35 -19.89
N SER E 80 -9.32 7.01 -18.90
CA SER E 80 -8.66 5.71 -18.88
C SER E 80 -9.66 4.60 -18.56
N ASN E 81 -9.26 3.35 -18.81
CA ASN E 81 -10.10 2.18 -18.44
C ASN E 81 -10.28 2.07 -16.92
N LYS E 82 -9.25 2.47 -16.18
CA LYS E 82 -9.26 2.47 -14.71
C LYS E 82 -10.32 3.43 -14.24
N ALA E 83 -10.20 4.68 -14.72
CA ALA E 83 -11.17 5.74 -14.41
C ALA E 83 -12.58 5.28 -14.82
N LYS E 84 -12.72 4.86 -16.08
CA LYS E 84 -13.91 4.14 -16.55
C LYS E 84 -14.34 3.16 -15.48
N GLY E 85 -13.42 2.28 -15.07
CA GLY E 85 -13.71 1.22 -14.10
C GLY E 85 -14.29 1.72 -12.79
N LEU E 86 -13.69 2.76 -12.24
CA LEU E 86 -14.12 3.22 -10.93
C LEU E 86 -15.53 3.83 -10.99
N HIS E 87 -15.82 4.60 -12.04
CA HIS E 87 -17.13 5.26 -12.19
C HIS E 87 -18.23 4.20 -12.25
N LEU E 88 -17.88 3.07 -12.85
CA LEU E 88 -18.77 1.93 -12.95
C LEU E 88 -19.09 1.40 -11.57
N LEU E 89 -18.04 1.16 -10.79
CA LEU E 89 -18.17 0.63 -9.45
C LEU E 89 -18.99 1.54 -8.56
N GLU E 90 -18.72 2.84 -8.68
CA GLU E 90 -19.46 3.86 -7.94
C GLU E 90 -20.96 3.84 -8.22
N PHE E 91 -21.33 3.55 -9.47
CA PHE E 91 -22.72 3.43 -9.87
C PHE E 91 -23.43 2.38 -9.04
N PHE E 92 -22.83 1.20 -8.96
CA PHE E 92 -23.46 0.09 -8.26
C PHE E 92 -23.38 0.17 -6.76
N VAL E 93 -22.32 0.80 -6.27
CA VAL E 93 -22.12 1.01 -4.86
C VAL E 93 -23.22 1.96 -4.36
N ASN E 94 -23.53 2.98 -5.16
CA ASN E 94 -24.62 3.88 -4.83
C ASN E 94 -25.95 3.17 -4.83
N LYS E 95 -26.17 2.30 -5.82
CA LYS E 95 -27.39 1.53 -5.87
C LYS E 95 -27.58 0.67 -4.61
N CYS E 96 -26.49 0.07 -4.13
CA CYS E 96 -26.51 -0.76 -2.92
C CYS E 96 -26.74 0.08 -1.69
N HIS E 97 -26.06 1.21 -1.64
CA HIS E 97 -26.13 2.13 -0.53
C HIS E 97 -27.58 2.64 -0.40
N GLU E 98 -28.24 2.85 -1.55
CA GLU E 98 -29.59 3.43 -1.59
C GLU E 98 -30.62 2.56 -0.90
N ILE E 99 -30.54 1.26 -1.13
CA ILE E 99 -31.47 0.31 -0.55
C ILE E 99 -30.94 -0.32 0.74
N GLY E 100 -29.71 0.03 1.12
CA GLY E 100 -29.09 -0.45 2.37
C GLY E 100 -28.44 -1.82 2.34
N VAL E 101 -28.09 -2.33 1.17
CA VAL E 101 -27.38 -3.60 1.09
C VAL E 101 -25.87 -3.38 1.21
N GLY E 102 -25.22 -4.15 2.08
CA GLY E 102 -23.77 -4.12 2.20
C GLY E 102 -23.15 -4.55 0.89
N CYS E 103 -22.03 -3.92 0.53
CA CYS E 103 -21.36 -4.23 -0.70
C CYS E 103 -19.84 -4.00 -0.59
N GLU E 104 -19.09 -4.71 -1.44
CA GLU E 104 -17.66 -4.46 -1.63
C GLU E 104 -17.44 -4.42 -3.11
N ALA E 105 -16.67 -3.47 -3.60
CA ALA E 105 -16.46 -3.34 -5.04
C ALA E 105 -15.00 -3.13 -5.32
N TRP E 106 -14.49 -3.79 -6.37
CA TRP E 106 -13.08 -3.65 -6.70
C TRP E 106 -12.84 -3.96 -8.16
N ILE E 107 -11.63 -3.66 -8.62
CA ILE E 107 -11.20 -3.89 -9.97
C ILE E 107 -10.03 -4.84 -9.96
N LYS E 108 -10.04 -5.76 -10.93
CA LYS E 108 -8.90 -6.59 -11.21
C LYS E 108 -8.59 -6.41 -12.67
N THR E 109 -7.38 -6.77 -13.07
CA THR E 109 -6.94 -6.59 -14.44
C THR E 109 -6.72 -7.93 -15.13
N GLY E 110 -6.92 -7.94 -16.44
CA GLY E 110 -6.63 -9.12 -17.25
C GLY E 110 -7.81 -9.49 -18.12
N ASP E 111 -7.85 -10.74 -18.52
CA ASP E 111 -8.92 -11.25 -19.33
C ASP E 111 -10.17 -11.44 -18.45
N PRO E 112 -11.27 -10.72 -18.76
CA PRO E 112 -12.46 -10.72 -17.89
C PRO E 112 -12.93 -12.12 -17.47
N LYS E 113 -13.11 -13.01 -18.44
CA LYS E 113 -13.66 -14.31 -18.10
C LYS E 113 -12.73 -15.12 -17.20
N ASP E 114 -11.44 -15.05 -17.47
CA ASP E 114 -10.45 -15.73 -16.63
C ASP E 114 -10.38 -15.12 -15.24
N VAL E 115 -10.35 -13.79 -15.18
CA VAL E 115 -10.22 -13.09 -13.92
C VAL E 115 -11.45 -13.31 -13.02
N ILE E 116 -12.65 -13.27 -13.60
CA ILE E 116 -13.89 -13.54 -12.85
C ILE E 116 -13.79 -14.91 -12.18
N CYS E 117 -13.37 -15.90 -12.95
CA CYS E 117 -13.13 -17.25 -12.40
C CYS E 117 -12.04 -17.30 -11.34
N GLN E 118 -10.95 -16.59 -11.57
CA GLN E 118 -9.91 -16.51 -10.55
C GLN E 118 -10.44 -15.86 -9.28
N GLU E 119 -11.28 -14.83 -9.45
CA GLU E 119 -11.80 -14.09 -8.32
C GLU E 119 -12.82 -14.89 -7.52
N VAL E 120 -13.65 -15.67 -8.22
CA VAL E 120 -14.53 -16.65 -7.58
C VAL E 120 -13.75 -17.58 -6.64
N LYS E 121 -12.65 -18.16 -7.12
CA LYS E 121 -11.91 -19.06 -6.26
C LYS E 121 -11.11 -18.36 -5.14
N ARG E 122 -10.88 -17.06 -5.31
CA ARG E 122 -10.17 -16.25 -4.32
C ARG E 122 -11.09 -15.74 -3.19
N VAL E 123 -12.21 -15.18 -3.62
CA VAL E 123 -13.15 -14.50 -2.73
C VAL E 123 -14.14 -15.52 -2.12
N ARG E 124 -14.36 -16.60 -2.86
CA ARG E 124 -15.43 -17.59 -2.58
C ARG E 124 -16.80 -17.01 -2.28
N PRO E 125 -17.41 -16.37 -3.27
CA PRO E 125 -18.76 -15.88 -3.10
C PRO E 125 -19.68 -17.07 -3.04
N ASP E 126 -20.89 -16.91 -2.52
CA ASP E 126 -21.81 -18.03 -2.54
C ASP E 126 -22.28 -18.29 -3.95
N PHE E 127 -22.51 -17.22 -4.71
CA PHE E 127 -22.75 -17.38 -6.14
C PHE E 127 -22.35 -16.16 -6.95
N LEU E 128 -22.28 -16.37 -8.27
CA LEU E 128 -21.84 -15.37 -9.21
C LEU E 128 -23.00 -14.95 -10.12
N VAL E 129 -23.25 -13.66 -10.20
CA VAL E 129 -24.23 -13.12 -11.13
C VAL E 129 -23.51 -12.53 -12.32
N VAL E 130 -23.83 -13.03 -13.51
CA VAL E 130 -23.38 -12.42 -14.75
C VAL E 130 -24.61 -12.08 -15.58
N GLY E 131 -24.55 -10.95 -16.28
CA GLY E 131 -25.52 -10.64 -17.30
C GLY E 131 -25.15 -11.50 -18.48
N SER E 132 -25.98 -11.50 -19.53
CA SER E 132 -25.62 -12.27 -20.71
C SER E 132 -26.31 -11.65 -21.89
N ARG E 133 -25.59 -11.52 -23.00
CA ARG E 133 -26.15 -11.00 -24.23
C ARG E 133 -26.86 -12.10 -25.00
N GLY E 134 -26.64 -13.35 -24.56
CA GLY E 134 -27.30 -14.53 -25.12
C GLY E 134 -26.83 -14.87 -26.52
N LEU E 135 -25.53 -14.70 -26.76
CA LEU E 135 -24.92 -14.90 -28.08
C LEU E 135 -24.74 -16.36 -28.54
N GLY E 136 -25.71 -17.22 -28.27
CA GLY E 136 -25.68 -18.56 -28.91
C GLY E 136 -26.95 -19.35 -28.72
N THR E 145 -19.18 -15.09 -24.95
CA THR E 145 -17.82 -15.24 -24.42
C THR E 145 -17.79 -15.29 -22.86
N VAL E 146 -18.02 -14.17 -22.18
CA VAL E 146 -17.87 -14.14 -20.72
C VAL E 146 -18.87 -14.96 -19.90
N SER E 147 -20.17 -14.77 -20.14
CA SER E 147 -21.17 -15.45 -19.34
C SER E 147 -21.11 -16.96 -19.50
N ALA E 148 -20.89 -17.43 -20.72
CA ALA E 148 -20.81 -18.87 -21.02
C ALA E 148 -19.58 -19.50 -20.35
N PHE E 149 -18.49 -18.73 -20.28
CA PHE E 149 -17.25 -19.19 -19.71
C PHE E 149 -17.43 -19.38 -18.23
N CYS E 150 -18.05 -18.38 -17.61
CA CYS E 150 -18.30 -18.42 -16.16
C CYS E 150 -19.16 -19.60 -15.74
N VAL E 151 -20.27 -19.83 -16.44
CA VAL E 151 -21.17 -20.96 -16.16
C VAL E 151 -20.39 -22.27 -16.23
N LYS E 152 -19.52 -22.34 -17.23
CA LYS E 152 -18.77 -23.54 -17.46
C LYS E 152 -17.72 -23.74 -16.36
N HIS E 153 -17.01 -22.68 -16.01
CA HIS E 153 -15.78 -22.83 -15.23
C HIS E 153 -15.81 -22.34 -13.79
N ALA E 154 -16.64 -21.35 -13.49
CA ALA E 154 -16.68 -20.79 -12.14
C ALA E 154 -16.91 -21.88 -11.10
N GLU E 155 -16.20 -21.76 -9.98
CA GLU E 155 -16.26 -22.75 -8.90
C GLU E 155 -17.27 -22.36 -7.84
N CYS E 156 -18.38 -21.82 -8.30
CA CYS E 156 -19.51 -21.46 -7.47
C CYS E 156 -20.75 -21.46 -8.36
N PRO E 157 -21.96 -21.59 -7.78
CA PRO E 157 -23.15 -21.41 -8.62
C PRO E 157 -23.14 -20.11 -9.40
N VAL E 158 -23.70 -20.17 -10.60
CA VAL E 158 -23.74 -19.02 -11.49
C VAL E 158 -25.19 -18.70 -11.90
N MSE E 159 -25.58 -17.45 -11.70
CA MSE E 159 -26.87 -16.99 -12.13
C MSE E 159 -26.61 -16.19 -13.40
O MSE E 159 -25.88 -15.22 -13.37
CB MSE E 159 -27.48 -16.11 -11.06
CG MSE E 159 -28.73 -15.38 -11.46
SE MSE E 159 -30.26 -16.57 -11.23
CE MSE E 159 -30.43 -16.33 -9.30
N THR E 160 -27.18 -16.61 -14.52
CA THR E 160 -27.02 -15.86 -15.72
C THR E 160 -28.35 -15.19 -16.09
N ILE E 161 -28.30 -13.88 -16.26
CA ILE E 161 -29.50 -13.09 -16.52
C ILE E 161 -29.36 -12.42 -17.85
N LYS E 162 -30.32 -12.70 -18.74
CA LYS E 162 -30.40 -12.03 -20.04
C LYS E 162 -31.24 -10.78 -19.94
N ARG E 163 -31.11 -9.91 -20.93
CA ARG E 163 -31.78 -8.61 -20.94
C ARG E 163 -33.23 -8.78 -21.30
N ASN E 164 -34.07 -7.83 -20.90
CA ASN E 164 -35.46 -7.80 -21.35
C ASN E 164 -35.46 -7.54 -22.84
N ALA E 165 -36.46 -8.08 -23.52
CA ALA E 165 -36.59 -7.87 -24.95
C ALA E 165 -36.57 -6.38 -25.30
N ASP E 166 -37.24 -5.56 -24.49
CA ASP E 166 -37.41 -4.14 -24.81
C ASP E 166 -36.17 -3.28 -24.55
N GLU E 167 -35.12 -3.87 -23.96
CA GLU E 167 -33.84 -3.16 -23.79
C GLU E 167 -32.71 -3.83 -24.57
N THR E 168 -33.05 -4.83 -25.38
CA THR E 168 -32.06 -5.55 -26.19
C THR E 168 -31.83 -4.78 -27.47
N PRO E 169 -30.57 -4.38 -27.73
CA PRO E 169 -30.32 -3.58 -28.94
C PRO E 169 -30.53 -4.44 -30.17
N SER E 170 -30.81 -3.83 -31.31
CA SER E 170 -31.11 -4.60 -32.52
C SER E 170 -29.98 -5.59 -32.83
N ASP E 171 -28.74 -5.18 -32.54
CA ASP E 171 -27.58 -6.07 -32.61
C ASP E 171 -27.32 -6.52 -31.19
N PRO E 172 -27.56 -7.83 -30.91
CA PRO E 172 -27.41 -8.32 -29.53
C PRO E 172 -26.00 -8.26 -28.99
N ALA E 173 -25.00 -8.18 -29.86
CA ALA E 173 -23.61 -8.05 -29.44
C ALA E 173 -23.37 -6.72 -28.71
N ASP E 174 -24.14 -5.69 -29.07
CA ASP E 174 -24.16 -4.39 -28.43
C ASP E 174 -24.66 -4.49 -27.01
N ASP E 175 -24.06 -3.72 -26.11
CA ASP E 175 -24.37 -3.88 -24.70
C ASP E 175 -23.81 -2.75 -23.88
N PRO F 5 -43.53 -12.50 -4.09
CA PRO F 5 -42.79 -13.71 -3.73
C PRO F 5 -42.13 -14.27 -4.96
N THR F 6 -40.82 -14.48 -4.88
CA THR F 6 -40.05 -14.85 -6.04
C THR F 6 -40.32 -16.32 -6.34
N LYS F 7 -40.80 -16.58 -7.56
CA LYS F 7 -41.06 -17.94 -8.03
C LYS F 7 -39.78 -18.54 -8.57
N VAL F 8 -39.31 -19.60 -7.90
CA VAL F 8 -38.10 -20.32 -8.28
C VAL F 8 -38.49 -21.70 -8.82
N MSE F 9 -38.25 -21.92 -10.11
CA MSE F 9 -38.50 -23.22 -10.69
C MSE F 9 -37.26 -24.07 -10.51
O MSE F 9 -36.17 -23.65 -10.86
CB MSE F 9 -38.84 -23.11 -12.18
CG MSE F 9 -39.12 -24.45 -12.85
SE MSE F 9 -40.01 -24.23 -14.54
CE MSE F 9 -38.63 -24.44 -15.66
N VAL F 10 -37.44 -25.26 -9.97
CA VAL F 10 -36.32 -26.17 -9.72
C VAL F 10 -36.55 -27.43 -10.54
N ALA F 11 -35.61 -27.72 -11.43
CA ALA F 11 -35.74 -28.85 -12.31
C ALA F 11 -35.14 -30.06 -11.58
N VAL F 12 -35.97 -31.08 -11.32
CA VAL F 12 -35.50 -32.22 -10.53
C VAL F 12 -35.64 -33.54 -11.30
N ASN F 13 -34.65 -34.40 -11.13
CA ASN F 13 -34.65 -35.69 -11.80
C ASN F 13 -34.12 -36.78 -10.88
N ALA F 14 -34.26 -38.03 -11.32
CA ALA F 14 -33.89 -39.17 -10.49
C ALA F 14 -32.42 -39.53 -10.67
N SER F 15 -31.86 -40.18 -9.67
CA SER F 15 -30.49 -40.64 -9.75
C SER F 15 -30.39 -41.92 -10.56
N THR F 16 -29.30 -42.04 -11.29
CA THR F 16 -29.03 -43.22 -12.09
C THR F 16 -28.12 -44.20 -11.34
N ILE F 17 -27.42 -43.73 -10.31
CA ILE F 17 -26.52 -44.58 -9.52
C ILE F 17 -27.09 -44.87 -8.14
N LYS F 18 -27.65 -43.86 -7.50
CA LYS F 18 -28.34 -44.08 -6.23
C LYS F 18 -29.64 -44.80 -6.50
N ASP F 19 -29.95 -45.74 -5.61
CA ASP F 19 -31.19 -46.49 -5.60
C ASP F 19 -32.39 -45.52 -5.70
N TYR F 20 -33.44 -45.93 -6.39
CA TYR F 20 -34.64 -45.08 -6.40
C TYR F 20 -35.46 -45.27 -5.10
N PRO F 21 -36.25 -44.25 -4.74
CA PRO F 21 -36.56 -43.06 -5.52
C PRO F 21 -35.68 -41.82 -5.30
N ASN F 22 -34.38 -42.00 -5.05
CA ASN F 22 -33.52 -40.85 -4.79
C ASN F 22 -33.39 -39.87 -5.97
N PRO F 23 -33.36 -38.57 -5.64
CA PRO F 23 -33.10 -37.55 -6.63
C PRO F 23 -31.66 -37.64 -7.09
N SER F 24 -31.38 -37.09 -8.27
CA SER F 24 -30.01 -36.97 -8.73
C SER F 24 -29.21 -36.19 -7.71
N ILE F 25 -27.92 -36.46 -7.63
CA ILE F 25 -27.05 -35.74 -6.73
C ILE F 25 -27.04 -34.25 -7.08
N SER F 26 -27.02 -33.94 -8.37
CA SER F 26 -26.93 -32.57 -8.83
C SER F 26 -28.16 -31.74 -8.54
N CYS F 27 -29.35 -32.27 -8.81
CA CYS F 27 -30.55 -31.48 -8.58
C CYS F 27 -30.83 -31.37 -7.09
N LYS F 28 -30.42 -32.39 -6.33
CA LYS F 28 -30.55 -32.37 -4.87
C LYS F 28 -29.69 -31.27 -4.27
N ARG F 29 -28.41 -31.27 -4.64
CA ARG F 29 -27.50 -30.19 -4.26
C ARG F 29 -28.07 -28.83 -4.69
N ALA F 30 -28.54 -28.74 -5.93
CA ALA F 30 -29.09 -27.50 -6.45
C ALA F 30 -30.27 -27.01 -5.59
N PHE F 31 -31.22 -27.90 -5.32
CA PHE F 31 -32.37 -27.57 -4.49
C PHE F 31 -31.93 -27.16 -3.08
N GLU F 32 -31.06 -27.94 -2.46
CA GLU F 32 -30.65 -27.67 -1.09
C GLU F 32 -29.87 -26.38 -1.00
N TRP F 33 -29.04 -26.13 -2.01
CA TRP F 33 -28.20 -24.95 -2.03
C TRP F 33 -29.10 -23.73 -2.11
N THR F 34 -30.12 -23.81 -2.96
CA THR F 34 -31.09 -22.75 -3.13
C THR F 34 -31.81 -22.44 -1.82
N LEU F 35 -32.26 -23.47 -1.10
CA LEU F 35 -32.88 -23.22 0.21
C LEU F 35 -31.90 -22.63 1.22
N GLU F 36 -30.67 -23.13 1.26
CA GLU F 36 -29.65 -22.62 2.18
C GLU F 36 -29.25 -21.17 1.87
N LYS F 37 -28.89 -20.89 0.61
CA LYS F 37 -28.24 -19.61 0.28
C LYS F 37 -29.18 -18.53 -0.25
N ILE F 38 -30.28 -18.93 -0.89
CA ILE F 38 -31.21 -17.97 -1.46
C ILE F 38 -32.45 -17.77 -0.56
N VAL F 39 -33.18 -18.85 -0.29
CA VAL F 39 -34.40 -18.74 0.51
C VAL F 39 -34.04 -18.37 1.94
N ARG F 40 -33.00 -19.02 2.47
CA ARG F 40 -32.54 -18.77 3.83
C ARG F 40 -33.73 -18.90 4.79
N SER F 41 -33.81 -18.04 5.80
CA SER F 41 -34.97 -18.06 6.71
C SER F 41 -36.19 -17.30 6.16
N ASN F 42 -36.02 -16.62 5.03
CA ASN F 42 -37.11 -15.82 4.44
C ASN F 42 -38.04 -16.67 3.58
N THR F 43 -38.76 -17.57 4.23
CA THR F 43 -39.53 -18.61 3.54
C THR F 43 -40.81 -18.09 2.88
N SER F 44 -41.25 -16.90 3.25
CA SER F 44 -42.43 -16.29 2.64
C SER F 44 -42.06 -15.46 1.39
N ASP F 45 -40.77 -15.23 1.17
CA ASP F 45 -40.33 -14.38 0.06
C ASP F 45 -40.12 -15.18 -1.22
N PHE F 46 -40.25 -16.50 -1.12
CA PHE F 46 -39.99 -17.40 -2.25
C PHE F 46 -41.04 -18.48 -2.36
N LYS F 47 -41.24 -18.95 -3.58
CA LYS F 47 -42.15 -20.04 -3.85
C LYS F 47 -41.43 -20.98 -4.80
N ILE F 48 -41.34 -22.25 -4.41
CA ILE F 48 -40.58 -23.21 -5.18
C ILE F 48 -41.51 -23.92 -6.15
N LEU F 49 -41.14 -23.93 -7.43
CA LEU F 49 -41.92 -24.63 -8.42
C LEU F 49 -41.10 -25.84 -8.91
N LEU F 50 -41.51 -27.03 -8.50
CA LEU F 50 -40.72 -28.24 -8.77
C LEU F 50 -41.22 -28.97 -10.01
N LEU F 51 -40.35 -29.08 -11.00
CA LEU F 51 -40.70 -29.72 -12.25
C LEU F 51 -39.84 -30.95 -12.47
N HIS F 52 -40.49 -32.09 -12.68
CA HIS F 52 -39.79 -33.25 -13.19
C HIS F 52 -40.27 -33.58 -14.59
N VAL F 53 -39.33 -33.76 -15.51
CA VAL F 53 -39.71 -34.18 -16.84
C VAL F 53 -39.50 -35.67 -17.01
N GLN F 54 -40.59 -36.36 -17.33
CA GLN F 54 -40.57 -37.79 -17.52
C GLN F 54 -40.36 -38.14 -18.99
N VAL F 55 -39.55 -39.16 -19.23
CA VAL F 55 -39.23 -39.66 -20.56
C VAL F 55 -40.20 -40.78 -20.95
N SER F 66 -54.13 -55.42 -22.14
CA SER F 66 -53.77 -55.51 -20.73
C SER F 66 -54.49 -56.71 -20.05
N ILE F 67 -53.92 -57.91 -20.19
CA ILE F 67 -54.57 -59.15 -19.71
C ILE F 67 -53.81 -59.77 -18.52
N TYR F 68 -54.56 -60.14 -17.50
CA TYR F 68 -54.01 -60.61 -16.23
C TYR F 68 -54.41 -62.05 -15.96
N ALA F 69 -53.43 -62.93 -15.80
CA ALA F 69 -53.70 -64.36 -15.69
C ALA F 69 -53.30 -64.96 -14.37
N SER F 70 -52.66 -64.18 -13.51
CA SER F 70 -52.04 -64.71 -12.29
C SER F 70 -51.79 -63.56 -11.32
N PRO F 71 -51.77 -63.84 -10.00
CA PRO F 71 -51.46 -62.78 -9.04
C PRO F 71 -50.12 -62.09 -9.34
N GLU F 72 -49.15 -62.86 -9.85
CA GLU F 72 -47.84 -62.32 -10.27
C GLU F 72 -47.93 -61.17 -11.27
N ASP F 73 -48.92 -61.25 -12.17
CA ASP F 73 -49.14 -60.21 -13.18
C ASP F 73 -49.53 -58.87 -12.57
N PHE F 74 -50.12 -58.92 -11.38
CA PHE F 74 -50.53 -57.69 -10.68
C PHE F 74 -49.37 -57.06 -9.91
N ARG F 75 -48.44 -57.91 -9.47
CA ARG F 75 -47.16 -57.46 -8.89
C ARG F 75 -46.33 -56.70 -9.94
N ASP F 76 -46.21 -57.31 -11.12
CA ASP F 76 -45.55 -56.69 -12.28
C ASP F 76 -46.08 -55.31 -12.63
N MSE F 77 -47.41 -55.17 -12.66
CA MSE F 77 -48.05 -53.87 -12.98
C MSE F 77 -47.69 -52.76 -11.98
O MSE F 77 -47.23 -51.68 -12.40
CB MSE F 77 -49.60 -53.99 -13.11
CG MSE F 77 -50.34 -54.41 -11.79
SE MSE F 77 -51.96 -53.40 -11.15
CE MSE F 77 -52.25 -54.27 -9.35
N ARG F 78 -47.88 -53.07 -10.69
CA ARG F 78 -48.14 -52.11 -9.60
C ARG F 78 -46.90 -51.59 -8.84
N GLN F 79 -45.75 -52.25 -9.07
CA GLN F 79 -44.49 -51.80 -8.50
C GLN F 79 -43.40 -51.71 -9.57
N GLY F 85 -41.56 -40.70 -11.01
CA GLY F 85 -41.65 -39.25 -11.05
C GLY F 85 -42.30 -38.69 -9.80
N LEU F 86 -43.39 -39.32 -9.36
CA LEU F 86 -44.14 -38.81 -8.23
C LEU F 86 -43.37 -38.87 -6.93
N HIS F 87 -42.67 -39.97 -6.70
CA HIS F 87 -41.93 -40.16 -5.46
C HIS F 87 -40.78 -39.16 -5.36
N LEU F 88 -40.28 -38.75 -6.53
CA LEU F 88 -39.26 -37.75 -6.59
C LEU F 88 -39.82 -36.40 -6.16
N LEU F 89 -41.00 -36.05 -6.70
CA LEU F 89 -41.68 -34.81 -6.36
C LEU F 89 -41.96 -34.75 -4.86
N GLU F 90 -42.48 -35.85 -4.32
CA GLU F 90 -42.78 -35.92 -2.88
C GLU F 90 -41.57 -35.69 -1.99
N PHE F 91 -40.40 -36.18 -2.41
CA PHE F 91 -39.17 -35.88 -1.65
C PHE F 91 -39.00 -34.38 -1.47
N PHE F 92 -39.13 -33.62 -2.55
CA PHE F 92 -38.86 -32.20 -2.50
C PHE F 92 -39.97 -31.40 -1.85
N VAL F 93 -41.20 -31.85 -2.05
CA VAL F 93 -42.34 -31.20 -1.44
C VAL F 93 -42.23 -31.34 0.07
N ASN F 94 -41.78 -32.50 0.54
CA ASN F 94 -41.57 -32.67 1.98
C ASN F 94 -40.47 -31.77 2.52
N LYS F 95 -39.39 -31.63 1.75
CA LYS F 95 -38.30 -30.72 2.12
C LYS F 95 -38.79 -29.27 2.24
N CYS F 96 -39.65 -28.84 1.33
CA CYS F 96 -40.25 -27.50 1.36
C CYS F 96 -41.21 -27.35 2.53
N HIS F 97 -42.04 -28.37 2.75
CA HIS F 97 -43.03 -28.34 3.82
C HIS F 97 -42.30 -28.25 5.16
N GLU F 98 -41.16 -28.93 5.25
CA GLU F 98 -40.38 -29.03 6.50
C GLU F 98 -39.88 -27.68 6.99
N ILE F 99 -39.42 -26.84 6.06
CA ILE F 99 -38.92 -25.53 6.44
C ILE F 99 -39.97 -24.43 6.19
N GLY F 100 -41.14 -24.82 5.71
CA GLY F 100 -42.28 -23.92 5.54
C GLY F 100 -42.29 -23.05 4.28
N VAL F 101 -41.58 -23.46 3.24
CA VAL F 101 -41.66 -22.73 1.97
C VAL F 101 -42.79 -23.26 1.11
N GLY F 102 -43.63 -22.37 0.60
CA GLY F 102 -44.67 -22.75 -0.34
C GLY F 102 -44.06 -23.36 -1.59
N CYS F 103 -44.70 -24.41 -2.10
CA CYS F 103 -44.25 -25.00 -3.35
C CYS F 103 -45.39 -25.59 -4.16
N GLU F 104 -45.15 -25.73 -5.45
CA GLU F 104 -45.99 -26.51 -6.33
C GLU F 104 -45.08 -27.45 -7.10
N ALA F 105 -45.52 -28.69 -7.28
CA ALA F 105 -44.72 -29.68 -7.99
C ALA F 105 -45.57 -30.42 -9.00
N TRP F 106 -44.99 -30.72 -10.15
CA TRP F 106 -45.72 -31.46 -11.17
C TRP F 106 -44.78 -32.12 -12.16
N ILE F 107 -45.36 -32.95 -13.01
CA ILE F 107 -44.62 -33.69 -14.02
C ILE F 107 -45.12 -33.28 -15.39
N LYS F 108 -44.20 -33.17 -16.33
CA LYS F 108 -44.54 -33.03 -17.73
C LYS F 108 -43.79 -34.10 -18.49
N THR F 109 -44.25 -34.39 -19.70
CA THR F 109 -43.65 -35.43 -20.51
C THR F 109 -42.90 -34.87 -21.71
N GLY F 110 -41.87 -35.58 -22.11
CA GLY F 110 -41.13 -35.26 -23.32
C GLY F 110 -39.62 -35.12 -23.08
N ASP F 111 -38.95 -34.44 -23.99
CA ASP F 111 -37.52 -34.23 -23.86
C ASP F 111 -37.25 -33.20 -22.76
N PRO F 112 -36.56 -33.61 -21.68
CA PRO F 112 -36.36 -32.79 -20.50
C PRO F 112 -35.94 -31.35 -20.81
N LYS F 113 -34.91 -31.20 -21.63
CA LYS F 113 -34.36 -29.86 -21.89
C LYS F 113 -35.37 -28.96 -22.59
N ASP F 114 -36.08 -29.54 -23.55
CA ASP F 114 -37.09 -28.85 -24.30
C ASP F 114 -38.28 -28.50 -23.39
N VAL F 115 -38.69 -29.47 -22.59
CA VAL F 115 -39.85 -29.34 -21.74
C VAL F 115 -39.64 -28.28 -20.65
N ILE F 116 -38.49 -28.34 -19.98
CA ILE F 116 -38.14 -27.33 -19.01
C ILE F 116 -38.29 -25.93 -19.62
N CYS F 117 -37.79 -25.75 -20.83
CA CYS F 117 -37.86 -24.45 -21.51
C CYS F 117 -39.28 -24.07 -21.85
N GLN F 118 -40.05 -25.03 -22.34
CA GLN F 118 -41.47 -24.82 -22.61
C GLN F 118 -42.19 -24.40 -21.33
N GLU F 119 -41.88 -25.07 -20.22
CA GLU F 119 -42.48 -24.79 -18.92
C GLU F 119 -42.11 -23.43 -18.35
N VAL F 120 -40.86 -22.99 -18.59
CA VAL F 120 -40.45 -21.64 -18.23
C VAL F 120 -41.35 -20.60 -18.90
N LYS F 121 -41.54 -20.77 -20.21
CA LYS F 121 -42.40 -19.90 -21.00
C LYS F 121 -43.87 -19.94 -20.55
N ARG F 122 -44.31 -21.08 -20.02
CA ARG F 122 -45.71 -21.28 -19.66
C ARG F 122 -45.99 -20.73 -18.25
N VAL F 123 -45.10 -21.06 -17.31
CA VAL F 123 -45.31 -20.78 -15.90
C VAL F 123 -44.71 -19.44 -15.50
N ARG F 124 -43.71 -19.01 -16.27
CA ARG F 124 -42.98 -17.76 -16.03
C ARG F 124 -42.45 -17.60 -14.62
N PRO F 125 -41.54 -18.49 -14.21
CA PRO F 125 -40.92 -18.34 -12.90
C PRO F 125 -39.98 -17.17 -12.97
N ASP F 126 -39.62 -16.60 -11.83
CA ASP F 126 -38.65 -15.52 -11.85
C ASP F 126 -37.28 -16.08 -12.26
N PHE F 127 -36.94 -17.29 -11.79
CA PHE F 127 -35.76 -17.97 -12.31
C PHE F 127 -35.83 -19.48 -12.22
N LEU F 128 -34.91 -20.12 -12.94
CA LEU F 128 -34.85 -21.54 -13.00
C LEU F 128 -33.52 -22.03 -12.38
N VAL F 129 -33.65 -23.03 -11.51
CA VAL F 129 -32.51 -23.69 -10.90
C VAL F 129 -32.37 -25.07 -11.51
N VAL F 130 -31.19 -25.32 -12.04
CA VAL F 130 -30.81 -26.63 -12.52
C VAL F 130 -29.52 -26.98 -11.86
N GLY F 131 -29.37 -28.28 -11.55
CA GLY F 131 -28.11 -28.83 -11.13
C GLY F 131 -27.31 -28.96 -12.40
N SER F 132 -26.07 -29.40 -12.29
CA SER F 132 -25.21 -29.53 -13.45
C SER F 132 -24.16 -30.55 -13.10
N ARG F 133 -23.91 -31.50 -13.98
CA ARG F 133 -22.81 -32.45 -13.77
C ARG F 133 -21.49 -31.82 -14.22
N GLY F 134 -21.58 -30.72 -14.96
CA GLY F 134 -20.40 -29.99 -15.44
C GLY F 134 -19.62 -30.72 -16.52
N LEU F 135 -20.36 -31.32 -17.44
CA LEU F 135 -19.77 -32.12 -18.48
C LEU F 135 -19.20 -31.33 -19.67
N GLY F 136 -18.42 -30.30 -19.41
CA GLY F 136 -17.71 -29.61 -20.50
C GLY F 136 -16.78 -28.52 -20.03
N THR F 145 -25.67 -31.43 -21.36
CA THR F 145 -26.93 -31.72 -22.02
C THR F 145 -28.02 -30.73 -21.47
N VAL F 146 -28.67 -31.09 -20.37
CA VAL F 146 -29.82 -30.30 -19.86
C VAL F 146 -29.51 -28.89 -19.34
N SER F 147 -28.55 -28.77 -18.44
CA SER F 147 -28.25 -27.49 -17.83
C SER F 147 -27.66 -26.49 -18.83
N ALA F 148 -26.85 -26.93 -19.77
CA ALA F 148 -26.31 -25.99 -20.76
C ALA F 148 -27.39 -25.54 -21.73
N PHE F 149 -28.33 -26.43 -22.03
CA PHE F 149 -29.42 -26.10 -22.90
C PHE F 149 -30.28 -25.02 -22.25
N CYS F 150 -30.57 -25.21 -20.97
CA CYS F 150 -31.38 -24.27 -20.20
C CYS F 150 -30.78 -22.87 -20.12
N VAL F 151 -29.50 -22.77 -19.76
CA VAL F 151 -28.78 -21.51 -19.70
C VAL F 151 -28.87 -20.81 -21.06
N LYS F 152 -28.77 -21.60 -22.11
CA LYS F 152 -28.75 -21.04 -23.46
C LYS F 152 -30.13 -20.53 -23.84
N HIS F 153 -31.16 -21.31 -23.52
CA HIS F 153 -32.47 -21.11 -24.13
C HIS F 153 -33.60 -20.65 -23.23
N ALA F 154 -33.55 -20.97 -21.95
CA ALA F 154 -34.62 -20.59 -21.04
C ALA F 154 -34.89 -19.08 -21.10
N GLU F 155 -36.16 -18.72 -21.03
CA GLU F 155 -36.60 -17.31 -21.12
C GLU F 155 -36.74 -16.69 -19.73
N CYS F 156 -35.84 -17.07 -18.84
CA CYS F 156 -35.80 -16.52 -17.51
C CYS F 156 -34.36 -16.72 -17.04
N PRO F 157 -33.91 -15.93 -16.05
CA PRO F 157 -32.62 -16.20 -15.40
C PRO F 157 -32.45 -17.66 -15.01
N VAL F 158 -31.24 -18.20 -15.16
CA VAL F 158 -30.96 -19.58 -14.75
C VAL F 158 -29.81 -19.60 -13.77
N MSE F 159 -30.04 -20.30 -12.66
CA MSE F 159 -28.99 -20.58 -11.69
C MSE F 159 -28.50 -22.00 -11.98
O MSE F 159 -29.28 -22.94 -11.90
CB MSE F 159 -29.60 -20.51 -10.27
CG MSE F 159 -28.65 -20.86 -9.11
SE MSE F 159 -27.52 -19.29 -8.73
CE MSE F 159 -28.71 -18.37 -7.66
N THR F 160 -27.23 -22.14 -12.36
CA THR F 160 -26.67 -23.48 -12.50
C THR F 160 -25.80 -23.81 -11.29
N ILE F 161 -26.13 -24.90 -10.63
CA ILE F 161 -25.40 -25.33 -9.44
C ILE F 161 -24.74 -26.68 -9.70
N LYS F 162 -23.42 -26.72 -9.50
CA LYS F 162 -22.62 -27.95 -9.68
C LYS F 162 -22.42 -28.64 -8.34
N ARG F 163 -22.13 -29.92 -8.39
CA ARG F 163 -22.08 -30.72 -7.20
C ARG F 163 -20.80 -30.39 -6.43
N ASN F 164 -20.80 -30.61 -5.12
CA ASN F 164 -19.58 -30.53 -4.31
C ASN F 164 -18.63 -31.58 -4.82
N ALA F 165 -17.34 -31.32 -4.72
CA ALA F 165 -16.36 -32.31 -5.12
C ALA F 165 -16.52 -33.63 -4.35
N ASP F 166 -16.95 -33.55 -3.09
CA ASP F 166 -17.03 -34.73 -2.20
C ASP F 166 -18.23 -35.64 -2.49
N GLU F 167 -19.17 -35.15 -3.29
CA GLU F 167 -20.35 -35.92 -3.69
C GLU F 167 -20.36 -36.20 -5.22
N THR F 168 -19.29 -35.79 -5.92
CA THR F 168 -19.19 -36.05 -7.35
C THR F 168 -18.67 -37.47 -7.57
N PRO F 169 -19.43 -38.29 -8.32
CA PRO F 169 -19.01 -39.67 -8.54
C PRO F 169 -17.78 -39.70 -9.44
N SER F 170 -17.01 -40.77 -9.36
CA SER F 170 -15.74 -40.86 -10.08
C SER F 170 -15.92 -40.62 -11.58
N ASP F 171 -17.08 -41.06 -12.08
CA ASP F 171 -17.55 -40.77 -13.44
C ASP F 171 -18.59 -39.66 -13.34
N PRO F 172 -18.23 -38.45 -13.83
CA PRO F 172 -19.03 -37.25 -13.70
C PRO F 172 -20.40 -37.40 -14.34
N ALA F 173 -20.51 -38.27 -15.34
CA ALA F 173 -21.77 -38.48 -16.08
C ALA F 173 -22.85 -39.12 -15.20
N ASP F 174 -22.43 -39.90 -14.22
CA ASP F 174 -23.37 -40.47 -13.30
C ASP F 174 -23.87 -39.42 -12.33
N ASP F 175 -25.18 -39.48 -12.09
CA ASP F 175 -25.84 -38.48 -11.29
C ASP F 175 -26.77 -39.25 -10.37
P AMP G . -5.53 -8.98 14.20
O1P AMP G . -6.91 -9.25 14.41
O2P AMP G . -5.08 -9.09 12.80
O3P AMP G . -4.98 -7.80 14.85
O5' AMP G . -4.69 -10.13 14.91
C5' AMP G . -4.80 -11.46 14.45
C4' AMP G . -4.28 -12.33 15.58
O4' AMP G . -5.18 -12.29 16.74
C3' AMP G . -4.18 -13.77 15.20
O3' AMP G . -2.93 -13.98 14.50
C2' AMP G . -4.16 -14.43 16.58
O2' AMP G . -2.83 -14.39 17.08
C1' AMP G . -5.08 -13.54 17.41
N9 AMP G . -6.45 -14.05 17.30
C8 AMP G . -7.44 -13.64 16.47
N7 AMP G . -8.54 -14.38 16.69
C5 AMP G . -8.27 -15.22 17.70
C6 AMP G . -8.99 -16.21 18.38
N6 AMP G . -10.25 -16.50 18.11
N1 AMP G . -8.38 -16.89 19.35
C2 AMP G . -7.12 -16.67 19.67
N3 AMP G . -6.40 -15.75 19.06
C4 AMP G . -6.95 -15.02 18.07
P AMP H . 5.62 5.04 24.80
O1P AMP H . 4.71 4.64 23.82
O2P AMP H . 6.18 6.41 24.65
O3P AMP H . 5.22 4.85 26.14
O5' AMP H . 6.93 4.12 24.70
C5' AMP H . 8.07 4.23 25.62
C4' AMP H . 9.16 3.41 25.05
O4' AMP H . 9.50 3.91 23.72
C3' AMP H . 10.45 3.44 25.83
O3' AMP H . 10.40 2.37 26.78
C2' AMP H . 11.47 3.10 24.74
O2' AMP H . 11.52 1.72 24.47
C1' AMP H . 10.90 3.73 23.48
N9 AMP H . 11.49 5.09 23.36
C8 AMP H . 10.87 6.20 23.74
N7 AMP H . 11.63 7.25 23.48
C5 AMP H . 12.75 6.80 22.95
C6 AMP H . 13.92 7.44 22.51
N6 AMP H . 14.00 8.77 22.61
N1 AMP H . 14.91 6.72 22.00
C2 AMP H . 14.79 5.38 21.93
N3 AMP H . 13.70 4.73 22.35
C4 AMP H . 12.67 5.42 22.86
P AMP I . 13.59 21.94 1.20
O1P AMP I . 14.96 21.92 1.30
O2P AMP I . 12.87 20.85 1.83
O3P AMP I . 12.93 23.19 1.62
O5' AMP I . 13.19 21.79 -0.34
C5' AMP I . 11.94 22.24 -0.89
C4' AMP I . 11.95 21.98 -2.39
O4' AMP I . 12.23 20.55 -2.49
C3' AMP I . 10.58 22.13 -3.04
O3' AMP I . 10.37 23.47 -3.48
C2' AMP I . 10.73 21.20 -4.25
O2' AMP I . 11.50 21.80 -5.29
C1' AMP I . 11.54 20.04 -3.66
N9 AMP I . 10.65 18.95 -3.22
C8 AMP I . 10.32 18.66 -1.95
N7 AMP I . 9.53 17.58 -1.95
C5 AMP I . 9.37 17.20 -3.21
C6 AMP I . 8.67 16.17 -3.82
N6 AMP I . 7.94 15.35 -3.07
N1 AMP I . 8.73 16.04 -5.16
C2 AMP I . 9.41 16.90 -5.88
N3 AMP I . 10.08 17.89 -5.31
C4 AMP I . 10.08 18.05 -4.01
P AMP J . 34.12 24.93 -3.31
O1P AMP J . 34.31 23.74 -4.02
O2P AMP J . 33.07 24.96 -2.42
O3P AMP J . 35.29 25.42 -2.63
O5' AMP J . 33.74 26.11 -4.32
C5' AMP J . 34.52 26.47 -5.45
C4' AMP J . 33.81 27.70 -6.06
O4' AMP J . 33.75 28.74 -5.08
C3' AMP J . 34.65 28.26 -7.17
O3' AMP J . 34.32 27.65 -8.42
C2' AMP J . 34.16 29.70 -7.21
O2' AMP J . 32.93 29.80 -7.95
C1' AMP J . 33.90 30.03 -5.75
N9 AMP J . 35.13 30.67 -5.23
C8 AMP J . 36.11 30.05 -4.55
N7 AMP J . 37.03 30.95 -4.24
C5 AMP J . 36.65 32.14 -4.70
C6 AMP J . 37.23 33.43 -4.69
N6 AMP J . 38.39 33.70 -4.12
N1 AMP J . 36.54 34.45 -5.26
C2 AMP J . 35.38 34.23 -5.85
N3 AMP J . 34.84 33.02 -5.90
C4 AMP J . 35.45 31.96 -5.33
P AMP K . -21.55 -12.13 -22.32
O1P AMP K . -21.52 -13.52 -22.30
O2P AMP K . -20.33 -11.47 -22.67
O3P AMP K . -22.63 -11.52 -23.08
O5' AMP K . -21.82 -11.60 -20.81
C5' AMP K . -21.87 -10.22 -20.40
C4' AMP K . -21.76 -10.19 -18.91
O4' AMP K . -20.41 -10.65 -18.56
C3' AMP K . -21.92 -8.81 -18.29
O3' AMP K . -23.31 -8.61 -18.02
C2' AMP K . -21.09 -8.94 -17.01
O2' AMP K . -21.85 -9.56 -15.92
C1' AMP K . -19.94 -9.88 -17.42
N9 AMP K . -18.76 -9.11 -17.85
C8 AMP K . -18.39 -8.83 -19.10
N7 AMP K . -17.27 -8.11 -19.09
C5 AMP K . -16.92 -7.93 -17.82
C6 AMP K . -15.87 -7.28 -17.19
N6 AMP K . -14.95 -6.65 -17.91
N1 AMP K . -15.81 -7.29 -15.86
C2 AMP K . -16.72 -7.91 -15.12
N3 AMP K . -17.74 -8.53 -15.69
C4 AMP K . -17.86 -8.57 -17.03
P AMP L . -26.67 -31.54 -16.63
O1P AMP L . -26.72 -30.06 -16.39
O2P AMP L . -27.20 -32.00 -17.87
O3P AMP L . -25.40 -32.20 -16.37
O5' AMP L . -27.65 -32.26 -15.52
C5' AMP L . -29.05 -32.20 -15.47
C4' AMP L . -29.65 -31.17 -14.48
O4' AMP L . -30.81 -30.71 -15.22
C3' AMP L . -30.22 -31.70 -13.16
O3' AMP L . -29.51 -31.13 -12.07
C2' AMP L . -31.68 -31.21 -13.13
O2' AMP L . -31.80 -29.89 -12.63
C1' AMP L . -32.03 -31.11 -14.57
N9 AMP L . -32.67 -32.31 -15.20
C8 AMP L . -32.10 -33.24 -15.98
N7 AMP L . -33.01 -34.12 -16.39
C5 AMP L . -34.18 -33.73 -15.87
C6 AMP L . -35.48 -34.24 -15.94
N6 AMP L . -35.73 -35.35 -16.63
N1 AMP L . -36.46 -33.59 -15.30
C2 AMP L . -36.22 -32.47 -14.60
N3 AMP L . -35.00 -31.98 -14.50
C4 AMP L . -33.97 -32.58 -15.13
#